data_3Q7D
#
_entry.id   3Q7D
#
_cell.length_a   122.735
_cell.length_b   133.028
_cell.length_c   181.039
_cell.angle_alpha   90.00
_cell.angle_beta   90.00
_cell.angle_gamma   90.00
#
_symmetry.space_group_name_H-M   'I 2 2 2'
#
loop_
_entity.id
_entity.type
_entity.pdbx_description
1 polymer 'Prostaglandin G/H synthase 2'
2 non-polymer 2-acetamido-2-deoxy-beta-D-glucopyranose
3 non-polymer 'PROTOPORPHYRIN IX CONTAINING FE'
4 non-polymer '(2R)-2-(6-methoxynaphthalen-2-yl)propanoic acid'
5 non-polymer 'octyl beta-D-glucopyranoside'
6 non-polymer 'CHLORIDE ION'
7 water water
#
_entity_poly.entity_id   1
_entity_poly.type   'polypeptide(L)'
_entity_poly.pdbx_seq_one_letter_code
;ANPCCSNPCQNRGECMSTGFDQYKCDCTRTGFYGENCTTPEFLTRIKLLLKPTPNTVHYILTHFKGVWNIVNNIPFLRSL
IMKYVLTSRSYLIDSPPTYNVHYGYKSWEAFSNLSYYTRALPPVADDCPTPMGVKGNKELPDSKEVLEKVLLRREFIPDP
QGSNMMFAFFAQHFTHQFFKTDHKRGPGFTRGLGHGVDLNHIYGETLDRQHKLRLFKDGKLKYQVIGGEVYPPTVKDTQV
EMIYPPHIPENLQFAVGQEVFGLVPGLMMYATIWLREHNRVCDILKQEHPEWGDEQLFQTSRLILIGETIKIVIEDYVQH
LSGYHFKLKFDPELLFNQQFQYQNRIASEFNTLYHWHPLLPDTFNIEDQEYSFKQFLYNNSILLEHGLTQFVESFTRQIA
GRVAGGRNVPIAVQAVAKASIDQSREMKYQSLNEYRKRFSLKPYTSFEELTGEKEMAAELKALYSDIDVMELYPALLVEK
PRPDAIFGETMVELGAPFSLKGLMGNPICSPQYWKPSTFGGEVGFKIINTASIQSLICNNVKGCPFTSFNVQDPQPTKTA
TINASASHSRLDDINPTVLIKRRSTEL
;
_entity_poly.pdbx_strand_id   A,B
#
# COMPACT_ATOMS: atom_id res chain seq x y z
N ALA A 1 32.42 -13.18 -7.52
CA ALA A 1 33.29 -12.05 -7.22
C ALA A 1 32.70 -11.25 -6.06
N ASN A 2 31.38 -11.08 -6.09
CA ASN A 2 30.65 -10.51 -4.97
C ASN A 2 30.83 -11.42 -3.75
N PRO A 3 31.32 -10.87 -2.62
CA PRO A 3 31.63 -11.65 -1.41
C PRO A 3 30.38 -12.24 -0.73
N CYS A 4 29.21 -11.79 -1.14
CA CYS A 4 27.97 -12.31 -0.58
C CYS A 4 27.41 -13.48 -1.41
N CYS A 5 28.11 -13.82 -2.49
CA CYS A 5 27.64 -14.85 -3.43
C CYS A 5 27.39 -16.23 -2.83
N SER A 6 28.06 -16.53 -1.72
CA SER A 6 27.89 -17.84 -1.08
C SER A 6 26.71 -17.87 -0.11
N ASN A 7 26.01 -16.74 0.03
CA ASN A 7 24.87 -16.65 0.94
C ASN A 7 25.24 -16.92 2.40
N PRO A 8 26.28 -16.24 2.90
CA PRO A 8 26.81 -16.64 4.21
C PRO A 8 25.91 -16.33 5.41
N CYS A 9 25.00 -15.36 5.30
CA CYS A 9 24.18 -15.00 6.46
C CYS A 9 23.00 -15.94 6.65
N GLN A 10 22.85 -16.46 7.87
CA GLN A 10 21.77 -17.40 8.15
C GLN A 10 20.64 -16.72 8.89
N ASN A 11 19.55 -17.46 9.09
CA ASN A 11 18.47 -16.98 9.93
C ASN A 11 17.90 -15.60 9.58
N ARG A 12 17.88 -15.28 8.29
CA ARG A 12 17.30 -14.04 7.78
C ARG A 12 18.16 -12.81 8.01
N GLY A 13 19.41 -13.04 8.40
CA GLY A 13 20.39 -11.96 8.47
C GLY A 13 20.63 -11.45 7.05
N GLU A 14 20.98 -10.17 6.93
CA GLU A 14 21.23 -9.60 5.61
C GLU A 14 22.71 -9.45 5.38
N CYS A 15 23.15 -9.83 4.18
CA CYS A 15 24.56 -9.72 3.80
C CYS A 15 24.85 -8.47 2.96
N MET A 16 25.96 -7.82 3.26
CA MET A 16 26.37 -6.62 2.54
C MET A 16 27.88 -6.68 2.32
N SER A 17 28.35 -6.40 1.12
CA SER A 17 29.80 -6.36 0.94
C SER A 17 30.37 -5.16 1.68
N THR A 18 31.61 -5.29 2.15
CA THR A 18 32.27 -4.18 2.83
C THR A 18 33.63 -3.89 2.20
N GLY A 19 33.85 -4.43 1.01
CA GLY A 19 35.05 -4.23 0.23
C GLY A 19 34.93 -5.17 -0.94
N PHE A 20 35.95 -5.26 -1.78
CA PHE A 20 35.88 -6.14 -2.97
C PHE A 20 35.83 -7.61 -2.57
N ASP A 21 36.51 -7.96 -1.48
CA ASP A 21 36.64 -9.34 -1.07
C ASP A 21 36.06 -9.66 0.32
N GLN A 22 35.39 -8.70 0.94
CA GLN A 22 34.95 -8.87 2.31
C GLN A 22 33.45 -8.60 2.45
N TYR A 23 32.82 -9.16 3.49
CA TYR A 23 31.39 -9.00 3.70
C TYR A 23 31.01 -8.84 5.17
N LYS A 24 29.78 -8.41 5.41
CA LYS A 24 29.26 -8.33 6.77
C LYS A 24 27.78 -8.72 6.83
N CYS A 25 27.40 -9.42 7.89
CA CYS A 25 26.01 -9.80 8.09
C CYS A 25 25.31 -8.91 9.10
N ASP A 26 24.10 -8.49 8.77
CA ASP A 26 23.30 -7.66 9.66
C ASP A 26 22.27 -8.54 10.35
N CYS A 27 22.48 -8.81 11.62
CA CYS A 27 21.67 -9.78 12.37
C CYS A 27 20.50 -9.17 13.11
N THR A 28 20.26 -7.88 12.86
CA THR A 28 19.19 -7.14 13.52
C THR A 28 17.84 -7.87 13.53
N ARG A 29 17.31 -8.09 14.74
CA ARG A 29 15.99 -8.69 14.95
C ARG A 29 15.84 -10.14 14.52
N THR A 30 16.97 -10.83 14.28
CA THR A 30 16.89 -12.21 13.84
C THR A 30 16.78 -13.17 14.99
N GLY A 31 17.28 -12.75 16.15
CA GLY A 31 17.36 -13.61 17.31
C GLY A 31 18.67 -14.36 17.41
N PHE A 32 19.65 -13.95 16.61
CA PHE A 32 20.96 -14.58 16.56
C PHE A 32 22.03 -13.51 16.45
N TYR A 33 23.28 -13.89 16.69
CA TYR A 33 24.39 -13.00 16.40
C TYR A 33 25.57 -13.82 15.93
N GLY A 34 26.72 -13.17 15.78
CA GLY A 34 27.89 -13.82 15.24
C GLY A 34 28.11 -13.33 13.82
N GLU A 35 29.25 -13.71 13.25
CA GLU A 35 29.64 -13.26 11.90
C GLU A 35 28.58 -13.58 10.85
N ASN A 36 27.81 -14.65 11.06
CA ASN A 36 26.79 -15.07 10.09
C ASN A 36 25.41 -15.31 10.70
N CYS A 37 25.16 -14.76 11.89
CA CYS A 37 23.86 -14.91 12.55
C CYS A 37 23.50 -16.36 12.84
N THR A 38 24.45 -17.15 13.36
CA THR A 38 24.21 -18.57 13.64
C THR A 38 24.28 -18.92 15.12
N THR A 39 24.86 -18.06 15.94
CA THR A 39 24.89 -18.32 17.37
C THR A 39 23.70 -17.62 18.01
N PRO A 40 22.81 -18.39 18.64
CA PRO A 40 21.51 -17.89 19.09
C PRO A 40 21.55 -17.21 20.46
N GLU A 41 20.64 -16.26 20.66
CA GLU A 41 20.43 -15.65 21.96
C GLU A 41 19.72 -16.67 22.85
N PHE A 42 19.70 -16.41 24.16
CA PHE A 42 19.16 -17.38 25.10
C PHE A 42 17.69 -17.72 24.83
N LEU A 43 16.86 -16.71 24.61
CA LEU A 43 15.45 -16.95 24.36
C LEU A 43 15.25 -17.78 23.09
N THR A 44 16.07 -17.49 22.09
CA THR A 44 16.03 -18.22 20.83
C THR A 44 16.26 -19.70 21.07
N ARG A 45 17.28 -20.01 21.87
CA ARG A 45 17.58 -21.37 22.26
C ARG A 45 16.33 -22.10 22.76
N ILE A 46 15.52 -21.38 23.54
CA ILE A 46 14.32 -21.93 24.13
C ILE A 46 13.20 -22.12 23.12
N LYS A 47 12.87 -21.05 22.39
CA LYS A 47 11.88 -21.15 21.31
C LYS A 47 12.18 -22.34 20.42
N LEU A 48 13.46 -22.54 20.12
CA LEU A 48 13.87 -23.61 19.22
C LEU A 48 13.61 -25.02 19.75
N LEU A 49 13.92 -25.25 21.02
CA LEU A 49 13.68 -26.58 21.62
C LEU A 49 12.19 -26.89 21.66
N LEU A 50 11.38 -25.85 21.83
CA LEU A 50 9.95 -26.01 21.97
C LEU A 50 9.28 -26.20 20.61
N LYS A 51 9.83 -25.56 19.59
CA LYS A 51 9.20 -25.52 18.27
C LYS A 51 9.08 -26.90 17.63
N PRO A 52 7.84 -27.32 17.33
CA PRO A 52 7.63 -28.58 16.63
C PRO A 52 7.88 -28.41 15.14
N THR A 53 8.33 -29.46 14.48
CA THR A 53 8.54 -29.42 13.04
C THR A 53 7.22 -29.26 12.28
N PRO A 54 7.29 -28.71 11.06
CA PRO A 54 6.11 -28.66 10.21
C PRO A 54 5.48 -30.05 10.08
N ASN A 55 6.31 -31.08 10.05
CA ASN A 55 5.83 -32.45 9.88
C ASN A 55 5.10 -32.98 11.11
N THR A 56 5.62 -32.67 12.29
CA THR A 56 4.92 -33.00 13.52
C THR A 56 3.57 -32.31 13.58
N VAL A 57 3.55 -31.00 13.39
CA VAL A 57 2.31 -30.25 13.39
C VAL A 57 1.29 -30.83 12.41
N HIS A 58 1.72 -31.08 11.18
CA HIS A 58 0.83 -31.61 10.15
C HIS A 58 0.22 -32.94 10.57
N TYR A 59 1.01 -33.81 11.20
CA TYR A 59 0.47 -35.02 11.78
C TYR A 59 -0.70 -34.71 12.73
N ILE A 60 -0.46 -33.81 13.68
CA ILE A 60 -1.45 -33.48 14.69
C ILE A 60 -2.73 -32.91 14.09
N LEU A 61 -2.60 -32.14 13.01
CA LEU A 61 -3.73 -31.54 12.31
C LEU A 61 -4.52 -32.55 11.47
N THR A 62 -3.89 -33.68 11.15
CA THR A 62 -4.53 -34.66 10.28
C THR A 62 -4.88 -35.94 11.04
N HIS A 63 -4.76 -35.91 12.36
CA HIS A 63 -5.17 -37.04 13.20
C HIS A 63 -6.09 -36.58 14.35
N PHE A 64 -6.50 -37.54 15.18
CA PHE A 64 -7.31 -37.25 16.37
C PHE A 64 -8.63 -36.56 16.04
N LYS A 65 -9.34 -37.08 15.05
CA LYS A 65 -10.56 -36.47 14.57
C LYS A 65 -11.53 -36.17 15.72
N GLY A 66 -11.54 -37.05 16.72
CA GLY A 66 -12.43 -36.90 17.84
C GLY A 66 -12.17 -35.64 18.63
N VAL A 67 -10.89 -35.36 18.90
CA VAL A 67 -10.54 -34.13 19.62
C VAL A 67 -10.89 -32.89 18.79
N TRP A 68 -10.63 -32.94 17.49
CA TRP A 68 -10.92 -31.82 16.60
C TRP A 68 -12.41 -31.58 16.51
N ASN A 69 -13.19 -32.65 16.47
CA ASN A 69 -14.63 -32.51 16.48
C ASN A 69 -15.06 -31.63 17.64
N ILE A 70 -14.40 -31.80 18.78
CA ILE A 70 -14.74 -31.04 19.97
C ILE A 70 -14.26 -29.60 19.85
N VAL A 71 -12.98 -29.43 19.53
CA VAL A 71 -12.38 -28.11 19.43
C VAL A 71 -13.16 -27.25 18.46
N ASN A 72 -13.57 -27.85 17.34
CA ASN A 72 -14.30 -27.13 16.32
C ASN A 72 -15.60 -26.53 16.85
N ASN A 73 -16.22 -27.19 17.82
CA ASN A 73 -17.50 -26.73 18.35
C ASN A 73 -17.37 -25.87 19.60
N ILE A 74 -16.14 -25.52 19.97
CA ILE A 74 -15.91 -24.57 21.04
C ILE A 74 -15.34 -23.29 20.42
N PRO A 75 -16.25 -22.40 19.98
CA PRO A 75 -15.95 -21.21 19.18
C PRO A 75 -14.72 -20.45 19.66
N PHE A 76 -14.45 -20.51 20.95
CA PHE A 76 -13.38 -19.70 21.52
C PHE A 76 -12.01 -20.36 21.29
N LEU A 77 -11.98 -21.69 21.26
CA LEU A 77 -10.77 -22.43 20.91
C LEU A 77 -10.53 -22.43 19.39
N ARG A 78 -11.62 -22.56 18.64
CA ARG A 78 -11.53 -22.48 17.19
C ARG A 78 -10.90 -21.15 16.82
N SER A 79 -11.40 -20.07 17.40
CA SER A 79 -10.87 -18.74 17.15
C SER A 79 -9.42 -18.63 17.61
N LEU A 80 -9.11 -19.25 18.74
CA LEU A 80 -7.76 -19.18 19.27
C LEU A 80 -6.78 -19.82 18.28
N ILE A 81 -7.08 -21.04 17.86
CA ILE A 81 -6.23 -21.78 16.93
C ILE A 81 -6.08 -21.06 15.60
N MET A 82 -7.20 -20.60 15.03
CA MET A 82 -7.15 -19.94 13.74
C MET A 82 -6.35 -18.65 13.84
N LYS A 83 -6.43 -17.97 14.99
CA LYS A 83 -5.64 -16.76 15.14
C LYS A 83 -4.16 -17.10 15.01
N TYR A 84 -3.75 -18.22 15.59
CA TYR A 84 -2.34 -18.58 15.60
C TYR A 84 -1.82 -18.99 14.22
N VAL A 85 -2.60 -19.76 13.46
CA VAL A 85 -2.17 -20.10 12.09
C VAL A 85 -2.04 -18.83 11.24
N LEU A 86 -3.02 -17.94 11.33
CA LEU A 86 -2.98 -16.67 10.65
C LEU A 86 -1.69 -15.88 10.91
N THR A 87 -1.40 -15.62 12.18
CA THR A 87 -0.25 -14.80 12.54
C THR A 87 1.09 -15.52 12.32
N SER A 88 1.15 -16.80 12.71
CA SER A 88 2.41 -17.54 12.61
C SER A 88 2.87 -17.70 11.16
N ARG A 89 1.93 -17.85 10.23
CA ARG A 89 2.24 -17.87 8.80
C ARG A 89 2.66 -16.49 8.31
N SER A 90 1.80 -15.51 8.50
CA SER A 90 2.01 -14.17 7.96
C SER A 90 3.34 -13.55 8.36
N TYR A 91 3.83 -13.85 9.56
CA TYR A 91 5.10 -13.27 10.00
C TYR A 91 6.27 -13.79 9.16
N LEU A 92 6.03 -14.78 8.30
CA LEU A 92 7.05 -15.25 7.37
C LEU A 92 7.24 -14.32 6.16
N ILE A 93 6.29 -13.42 5.93
CA ILE A 93 6.35 -12.55 4.75
C ILE A 93 6.83 -11.11 5.05
N ASP A 94 7.77 -10.61 4.25
CA ASP A 94 8.19 -9.21 4.36
C ASP A 94 7.07 -8.26 3.93
N SER A 95 6.70 -7.33 4.81
CA SER A 95 5.61 -6.42 4.50
C SER A 95 5.74 -5.16 5.33
N PRO A 96 5.99 -4.02 4.68
CA PRO A 96 6.18 -3.76 3.24
C PRO A 96 7.28 -4.64 2.58
N PRO A 97 7.20 -4.83 1.26
CA PRO A 97 8.07 -5.76 0.51
C PRO A 97 9.49 -5.23 0.23
N THR A 98 10.38 -6.16 -0.09
CA THR A 98 11.81 -5.97 -0.28
C THR A 98 12.25 -6.84 -1.46
N TYR A 99 13.30 -6.47 -2.18
CA TYR A 99 13.81 -7.31 -3.28
C TYR A 99 12.85 -7.62 -4.43
N ASN A 100 13.38 -7.59 -5.64
CA ASN A 100 12.66 -8.08 -6.82
C ASN A 100 13.71 -8.61 -7.79
N VAL A 101 13.35 -8.92 -9.03
CA VAL A 101 14.36 -9.49 -9.93
C VAL A 101 15.64 -8.66 -10.05
N HIS A 102 15.52 -7.34 -10.04
CA HIS A 102 16.66 -6.49 -10.33
C HIS A 102 17.39 -6.01 -9.09
N TYR A 103 16.77 -6.15 -7.93
CA TYR A 103 17.33 -5.58 -6.71
C TYR A 103 17.53 -6.62 -5.62
N GLY A 104 18.79 -6.85 -5.29
CA GLY A 104 19.14 -7.76 -4.21
C GLY A 104 19.44 -6.98 -2.94
N TYR A 105 19.11 -5.69 -2.97
CA TYR A 105 19.16 -4.82 -1.79
C TYR A 105 17.90 -3.96 -1.90
N LYS A 106 17.54 -3.25 -0.83
CA LYS A 106 16.18 -2.69 -0.64
C LYS A 106 15.65 -1.39 -1.31
N SER A 107 16.30 -0.86 -2.33
CA SER A 107 15.93 0.42 -2.94
C SER A 107 14.46 0.89 -2.91
N TRP A 108 14.28 2.21 -3.03
CA TRP A 108 12.97 2.81 -3.23
C TRP A 108 12.35 2.35 -4.54
N GLU A 109 13.20 2.01 -5.50
CA GLU A 109 12.68 1.56 -6.78
C GLU A 109 11.99 0.20 -6.63
N ALA A 110 12.59 -0.70 -5.84
CA ALA A 110 11.98 -1.99 -5.62
C ALA A 110 10.70 -1.82 -4.78
N PHE A 111 10.72 -0.93 -3.80
CA PHE A 111 9.49 -0.75 -3.04
C PHE A 111 8.35 -0.14 -3.84
N SER A 112 8.63 0.86 -4.67
CA SER A 112 7.56 1.66 -5.24
C SER A 112 7.01 1.15 -6.56
N ASN A 113 7.81 0.42 -7.30
CA ASN A 113 7.39 -0.05 -8.61
C ASN A 113 6.45 -1.27 -8.58
N LEU A 114 5.14 -1.04 -8.77
CA LEU A 114 4.14 -2.11 -8.66
C LEU A 114 4.18 -3.08 -9.83
N SER A 115 5.03 -2.78 -10.81
CA SER A 115 5.12 -3.58 -12.01
C SER A 115 5.90 -4.86 -11.79
N TYR A 116 6.67 -4.94 -10.72
CA TYR A 116 7.45 -6.16 -10.44
C TYR A 116 6.70 -7.11 -9.54
N TYR A 117 6.92 -8.40 -9.72
CA TYR A 117 6.66 -9.32 -8.63
C TYR A 117 7.71 -9.04 -7.58
N THR A 118 7.35 -9.16 -6.31
CA THR A 118 8.34 -9.03 -5.28
C THR A 118 9.05 -10.38 -5.12
N ARG A 119 10.03 -10.46 -4.23
CA ARG A 119 10.82 -11.67 -4.12
C ARG A 119 11.14 -11.98 -2.65
N ALA A 120 10.81 -13.20 -2.23
CA ALA A 120 11.02 -13.63 -0.84
C ALA A 120 12.49 -13.81 -0.52
N LEU A 121 13.27 -14.22 -1.51
CA LEU A 121 14.71 -14.22 -1.43
C LEU A 121 15.23 -13.39 -2.59
N PRO A 122 16.32 -12.67 -2.34
CA PRO A 122 16.96 -11.86 -3.38
C PRO A 122 17.56 -12.72 -4.48
N PRO A 123 17.65 -12.17 -5.69
CA PRO A 123 18.26 -12.89 -6.80
C PRO A 123 19.75 -13.18 -6.55
N VAL A 124 20.25 -14.28 -7.07
CA VAL A 124 21.68 -14.53 -7.10
C VAL A 124 22.35 -13.44 -7.95
N ALA A 125 23.45 -12.85 -7.48
CA ALA A 125 24.04 -11.72 -8.21
C ALA A 125 24.60 -12.11 -9.59
N ASP A 126 24.66 -11.16 -10.51
CA ASP A 126 25.01 -11.44 -11.90
C ASP A 126 26.44 -11.91 -12.07
N ASP A 127 27.30 -11.56 -11.12
CA ASP A 127 28.70 -11.88 -11.25
C ASP A 127 29.16 -13.12 -10.47
N CYS A 128 28.27 -13.76 -9.73
CA CYS A 128 28.62 -14.99 -9.02
C CYS A 128 29.17 -16.02 -10.02
N PRO A 129 30.11 -16.86 -9.57
CA PRO A 129 30.77 -17.86 -10.45
C PRO A 129 29.87 -19.04 -10.88
N THR A 130 28.81 -19.36 -10.13
CA THR A 130 27.85 -20.39 -10.54
C THR A 130 26.41 -19.89 -10.43
N PRO A 131 25.49 -20.54 -11.16
CA PRO A 131 24.07 -20.16 -11.16
C PRO A 131 23.47 -20.05 -9.76
N MET A 132 23.93 -20.87 -8.83
CA MET A 132 23.41 -20.85 -7.47
C MET A 132 24.30 -20.02 -6.52
N GLY A 133 25.31 -19.37 -7.07
CA GLY A 133 26.19 -18.51 -6.29
C GLY A 133 27.63 -18.96 -6.36
N VAL A 134 27.98 -19.93 -5.51
CA VAL A 134 29.33 -20.48 -5.46
C VAL A 134 29.37 -21.99 -5.73
N LYS A 135 28.32 -22.71 -5.31
CA LYS A 135 28.27 -24.17 -5.45
C LYS A 135 27.84 -24.67 -6.83
N GLY A 136 28.05 -25.95 -7.08
CA GLY A 136 27.61 -26.57 -8.33
C GLY A 136 28.58 -26.36 -9.49
N ASN A 137 28.16 -26.79 -10.66
CA ASN A 137 28.98 -26.63 -11.84
C ASN A 137 28.76 -25.24 -12.45
N LYS A 138 29.46 -24.94 -13.54
CA LYS A 138 29.31 -23.66 -14.20
C LYS A 138 27.89 -23.53 -14.74
N GLU A 139 27.25 -24.67 -14.98
CA GLU A 139 25.95 -24.70 -15.61
C GLU A 139 24.97 -25.68 -14.95
N LEU A 140 23.75 -25.20 -14.71
CA LEU A 140 22.67 -26.08 -14.29
C LEU A 140 22.42 -27.15 -15.37
N PRO A 141 21.89 -28.31 -14.97
CA PRO A 141 21.58 -29.35 -15.96
C PRO A 141 20.58 -28.88 -17.02
N ASP A 142 20.78 -29.37 -18.22
CA ASP A 142 19.87 -29.14 -19.33
C ASP A 142 18.40 -29.32 -18.90
N SER A 143 17.59 -28.28 -19.08
CA SER A 143 16.23 -28.29 -18.56
C SER A 143 15.30 -29.32 -19.23
N LYS A 144 15.51 -29.59 -20.52
CA LYS A 144 14.72 -30.62 -21.21
C LYS A 144 14.93 -31.96 -20.50
N GLU A 145 16.17 -32.27 -20.17
CA GLU A 145 16.52 -33.49 -19.47
C GLU A 145 15.84 -33.62 -18.09
N VAL A 146 15.85 -32.54 -17.31
CA VAL A 146 15.16 -32.54 -16.02
C VAL A 146 13.68 -32.81 -16.23
N LEU A 147 13.08 -32.08 -17.17
CA LEU A 147 11.68 -32.23 -17.54
C LEU A 147 11.35 -33.71 -17.79
N GLU A 148 12.06 -34.31 -18.74
CA GLU A 148 11.76 -35.65 -19.19
C GLU A 148 12.06 -36.69 -18.13
N LYS A 149 13.16 -36.51 -17.42
CA LYS A 149 13.56 -37.54 -16.47
C LYS A 149 12.69 -37.61 -15.22
N VAL A 150 12.30 -36.47 -14.66
CA VAL A 150 11.57 -36.52 -13.40
C VAL A 150 10.20 -35.82 -13.35
N LEU A 151 9.84 -35.08 -14.41
CA LEU A 151 8.56 -34.34 -14.39
C LEU A 151 7.45 -34.88 -15.31
N LEU A 152 7.80 -35.28 -16.54
CA LEU A 152 6.78 -35.69 -17.50
C LEU A 152 6.01 -36.89 -17.01
N ARG A 153 4.72 -36.92 -17.33
CA ARG A 153 3.83 -37.97 -16.84
C ARG A 153 3.95 -39.26 -17.70
N ARG A 154 4.06 -40.41 -17.04
CA ARG A 154 3.97 -41.67 -17.76
C ARG A 154 2.50 -42.12 -17.67
N GLU A 155 2.15 -42.77 -16.56
CA GLU A 155 0.76 -43.04 -16.25
C GLU A 155 0.21 -41.94 -15.32
N PHE A 156 -1.04 -41.57 -15.53
CA PHE A 156 -1.73 -40.60 -14.69
C PHE A 156 -1.85 -41.04 -13.22
N ILE A 157 -1.25 -40.27 -12.33
CA ILE A 157 -1.31 -40.52 -10.90
C ILE A 157 -2.39 -39.66 -10.24
N PRO A 158 -3.52 -40.27 -9.83
CA PRO A 158 -4.62 -39.52 -9.24
C PRO A 158 -4.26 -38.91 -7.88
N ASP A 159 -4.86 -37.77 -7.53
CA ASP A 159 -4.64 -37.18 -6.23
C ASP A 159 -5.29 -38.04 -5.14
N PRO A 160 -4.49 -38.49 -4.18
CA PRO A 160 -5.08 -39.35 -3.14
C PRO A 160 -6.00 -38.58 -2.18
N GLN A 161 -5.98 -37.25 -2.23
CA GLN A 161 -6.92 -36.47 -1.42
C GLN A 161 -8.27 -36.32 -2.10
N GLY A 162 -8.36 -36.75 -3.36
CA GLY A 162 -9.63 -36.73 -4.08
C GLY A 162 -10.03 -35.39 -4.71
N SER A 163 -9.09 -34.46 -4.80
CA SER A 163 -9.31 -33.20 -5.52
C SER A 163 -9.92 -33.49 -6.88
N ASN A 164 -10.99 -32.79 -7.22
CA ASN A 164 -11.65 -32.97 -8.52
C ASN A 164 -11.37 -31.81 -9.50
N MET A 165 -12.00 -31.85 -10.65
CA MET A 165 -11.82 -30.79 -11.64
C MET A 165 -12.47 -29.45 -11.25
N MET A 166 -13.47 -29.48 -10.37
CA MET A 166 -14.01 -28.22 -9.84
C MET A 166 -12.89 -27.52 -9.08
N PHE A 167 -12.09 -28.32 -8.39
CA PHE A 167 -11.00 -27.78 -7.59
C PHE A 167 -9.91 -27.21 -8.48
N ALA A 168 -9.51 -28.01 -9.46
CA ALA A 168 -8.42 -27.63 -10.36
C ALA A 168 -8.75 -26.35 -11.12
N PHE A 169 -9.96 -26.24 -11.64
CA PHE A 169 -10.31 -25.06 -12.41
C PHE A 169 -10.59 -23.83 -11.53
N PHE A 170 -10.91 -24.05 -10.26
CA PHE A 170 -11.11 -22.94 -9.33
C PHE A 170 -9.75 -22.31 -9.01
N ALA A 171 -8.79 -23.17 -8.70
CA ALA A 171 -7.41 -22.76 -8.49
C ALA A 171 -6.92 -21.90 -9.64
N GLN A 172 -7.10 -22.38 -10.87
CA GLN A 172 -6.61 -21.67 -12.04
C GLN A 172 -7.34 -20.33 -12.23
N HIS A 173 -8.65 -20.35 -12.07
CA HIS A 173 -9.46 -19.15 -12.18
C HIS A 173 -9.12 -18.11 -11.09
N PHE A 174 -9.06 -18.55 -9.84
CA PHE A 174 -8.81 -17.64 -8.74
C PHE A 174 -7.41 -17.05 -8.75
N THR A 175 -6.41 -17.86 -9.08
CA THR A 175 -5.02 -17.40 -9.06
C THR A 175 -4.66 -16.49 -10.23
N HIS A 176 -5.36 -16.64 -11.35
CA HIS A 176 -5.01 -15.85 -12.54
C HIS A 176 -5.48 -14.38 -12.46
N GLN A 177 -5.99 -13.96 -11.31
CA GLN A 177 -6.29 -12.55 -11.08
C GLN A 177 -5.06 -11.87 -10.49
N PHE A 178 -4.20 -12.65 -9.85
CA PHE A 178 -2.95 -12.05 -9.35
C PHE A 178 -1.64 -12.58 -9.96
N PHE A 179 -1.69 -13.73 -10.63
CA PHE A 179 -0.57 -14.16 -11.47
C PHE A 179 -0.89 -13.78 -12.92
N LYS A 180 -0.28 -12.70 -13.39
CA LYS A 180 -0.56 -12.22 -14.75
C LYS A 180 0.75 -11.67 -15.32
N THR A 181 1.70 -12.57 -15.53
CA THR A 181 3.03 -12.14 -15.93
C THR A 181 2.99 -11.22 -17.15
N ASP A 182 3.76 -10.16 -17.08
CA ASP A 182 3.84 -9.23 -18.20
C ASP A 182 4.97 -9.62 -19.14
N HIS A 183 4.63 -10.42 -20.14
CA HIS A 183 5.64 -11.00 -21.02
C HIS A 183 6.38 -9.97 -21.89
N LYS A 184 5.82 -8.76 -22.02
CA LYS A 184 6.51 -7.65 -22.67
C LYS A 184 7.81 -7.27 -21.93
N ARG A 185 7.83 -7.45 -20.61
CA ARG A 185 8.97 -6.99 -19.81
C ARG A 185 9.87 -8.12 -19.34
N GLY A 186 9.29 -9.28 -19.05
CA GLY A 186 10.04 -10.41 -18.55
C GLY A 186 9.26 -11.15 -17.49
N PRO A 187 9.71 -12.36 -17.13
CA PRO A 187 9.04 -12.98 -15.98
C PRO A 187 9.42 -12.10 -14.79
N GLY A 188 8.72 -12.14 -13.69
CA GLY A 188 9.10 -11.17 -12.67
C GLY A 188 8.55 -9.76 -12.88
N PHE A 189 7.81 -9.56 -13.97
CA PHE A 189 6.93 -8.39 -14.12
C PHE A 189 5.48 -8.87 -14.23
N THR A 190 4.59 -8.16 -13.55
CA THR A 190 3.19 -8.52 -13.52
C THR A 190 2.34 -7.39 -14.13
N ARG A 191 1.17 -7.74 -14.67
CA ARG A 191 0.22 -6.73 -15.14
C ARG A 191 -0.89 -6.50 -14.11
N GLY A 192 -0.85 -7.23 -13.00
CA GLY A 192 -1.88 -7.13 -11.99
C GLY A 192 -1.42 -6.26 -10.86
N LEU A 193 -1.53 -4.95 -11.07
CA LEU A 193 -1.04 -3.97 -10.12
C LEU A 193 -1.79 -3.98 -8.78
N GLY A 194 -2.92 -4.66 -8.71
CA GLY A 194 -3.66 -4.73 -7.46
C GLY A 194 -2.98 -5.63 -6.45
N HIS A 195 -2.06 -6.45 -6.95
CA HIS A 195 -1.28 -7.36 -6.12
C HIS A 195 -2.08 -8.22 -5.11
N GLY A 196 -3.25 -8.70 -5.55
CA GLY A 196 -4.09 -9.49 -4.69
C GLY A 196 -5.49 -9.75 -5.23
N VAL A 197 -6.40 -9.99 -4.29
CA VAL A 197 -7.77 -10.39 -4.60
C VAL A 197 -8.63 -9.16 -4.82
N ASP A 198 -8.58 -8.62 -6.03
CA ASP A 198 -9.38 -7.46 -6.37
C ASP A 198 -10.48 -7.78 -7.35
N LEU A 199 -10.51 -9.04 -7.80
CA LEU A 199 -11.46 -9.56 -8.78
C LEU A 199 -11.36 -8.87 -10.14
N ASN A 200 -10.15 -8.47 -10.49
CA ASN A 200 -9.91 -7.89 -11.81
C ASN A 200 -10.18 -8.88 -12.95
N HIS A 201 -10.10 -10.18 -12.67
CA HIS A 201 -10.40 -11.20 -13.67
C HIS A 201 -11.90 -11.30 -13.95
N ILE A 202 -12.69 -10.54 -13.19
CA ILE A 202 -14.11 -10.43 -13.47
C ILE A 202 -14.43 -9.02 -14.00
N TYR A 203 -13.86 -7.99 -13.39
CA TYR A 203 -14.24 -6.60 -13.69
C TYR A 203 -13.24 -5.86 -14.57
N GLY A 204 -12.13 -6.49 -14.87
CA GLY A 204 -11.16 -5.83 -15.73
C GLY A 204 -10.13 -5.08 -14.90
N GLU A 205 -8.90 -5.06 -15.41
CA GLU A 205 -7.82 -4.43 -14.68
C GLU A 205 -7.96 -2.91 -14.67
N THR A 206 -8.37 -2.32 -15.80
CA THR A 206 -8.47 -0.87 -15.92
C THR A 206 -9.92 -0.39 -15.92
N LEU A 207 -10.12 0.89 -15.65
CA LEU A 207 -11.44 1.50 -15.67
C LEU A 207 -12.07 1.39 -17.05
N ASP A 208 -11.27 1.66 -18.07
CA ASP A 208 -11.69 1.54 -19.47
C ASP A 208 -12.37 0.18 -19.72
N ARG A 209 -11.68 -0.89 -19.31
CA ARG A 209 -12.18 -2.24 -19.55
C ARG A 209 -13.45 -2.51 -18.73
N GLN A 210 -13.41 -2.14 -17.45
CA GLN A 210 -14.59 -2.24 -16.59
C GLN A 210 -15.83 -1.61 -17.21
N HIS A 211 -15.72 -0.38 -17.71
CA HIS A 211 -16.87 0.30 -18.29
C HIS A 211 -17.35 -0.39 -19.55
N LYS A 212 -16.44 -1.02 -20.29
CA LYS A 212 -16.86 -1.80 -21.43
C LYS A 212 -17.65 -3.04 -21.02
N LEU A 213 -17.31 -3.62 -19.86
CA LEU A 213 -18.00 -4.83 -19.41
C LEU A 213 -19.33 -4.52 -18.70
N ARG A 214 -19.57 -3.24 -18.41
CA ARG A 214 -20.72 -2.86 -17.61
C ARG A 214 -21.98 -2.55 -18.40
N LEU A 215 -23.11 -2.88 -17.80
CA LEU A 215 -24.43 -2.58 -18.38
C LEU A 215 -24.88 -1.16 -18.05
N PHE A 216 -24.48 -0.66 -16.88
CA PHE A 216 -24.83 0.69 -16.41
C PHE A 216 -26.31 0.89 -16.06
N LYS A 217 -26.98 -0.23 -15.75
CA LYS A 217 -28.31 -0.22 -15.19
C LYS A 217 -28.23 -1.20 -14.04
N ASP A 218 -28.70 -0.77 -12.87
CA ASP A 218 -28.87 -1.67 -11.73
C ASP A 218 -27.58 -2.27 -11.21
N GLY A 219 -26.45 -1.66 -11.58
CA GLY A 219 -25.14 -2.08 -11.14
C GLY A 219 -24.60 -3.31 -11.84
N LYS A 220 -25.27 -3.73 -12.91
CA LYS A 220 -25.01 -5.06 -13.50
C LYS A 220 -23.91 -5.09 -14.53
N LEU A 221 -23.43 -6.31 -14.77
CA LEU A 221 -22.53 -6.64 -15.84
C LEU A 221 -23.31 -7.01 -17.10
N LYS A 222 -22.86 -6.53 -18.26
CA LYS A 222 -23.41 -6.95 -19.55
C LYS A 222 -23.38 -8.47 -19.68
N TYR A 223 -24.29 -9.01 -20.49
CA TYR A 223 -24.35 -10.45 -20.74
C TYR A 223 -25.21 -10.71 -21.97
N GLN A 224 -25.21 -11.97 -22.43
CA GLN A 224 -26.13 -12.41 -23.47
C GLN A 224 -26.91 -13.64 -23.00
N VAL A 225 -28.00 -13.95 -23.70
CA VAL A 225 -28.78 -15.12 -23.36
C VAL A 225 -28.80 -16.06 -24.56
N ILE A 226 -28.27 -17.27 -24.37
CA ILE A 226 -28.25 -18.26 -25.45
C ILE A 226 -28.91 -19.53 -24.93
N GLY A 227 -29.82 -20.09 -25.71
CA GLY A 227 -30.79 -21.02 -25.16
C GLY A 227 -31.57 -20.18 -24.18
N GLY A 228 -31.78 -20.66 -22.96
CA GLY A 228 -32.36 -19.76 -21.98
C GLY A 228 -31.36 -19.26 -20.96
N GLU A 229 -30.07 -19.38 -21.28
CA GLU A 229 -28.99 -19.30 -20.31
C GLU A 229 -28.17 -18.03 -20.43
N VAL A 230 -27.70 -17.52 -19.28
CA VAL A 230 -26.87 -16.33 -19.27
C VAL A 230 -25.38 -16.65 -19.48
N TYR A 231 -24.75 -15.95 -20.42
CA TYR A 231 -23.32 -16.07 -20.62
C TYR A 231 -22.66 -14.68 -20.75
N PRO A 232 -21.34 -14.63 -20.64
CA PRO A 232 -20.64 -13.36 -20.84
C PRO A 232 -21.02 -12.81 -22.21
N PRO A 233 -20.87 -11.50 -22.39
CA PRO A 233 -21.20 -10.90 -23.69
C PRO A 233 -20.08 -11.15 -24.69
N THR A 234 -20.27 -10.75 -25.95
CA THR A 234 -19.25 -11.01 -26.97
C THR A 234 -18.20 -9.91 -27.02
N VAL A 235 -17.15 -10.18 -27.80
CA VAL A 235 -16.10 -9.22 -28.04
C VAL A 235 -16.61 -8.10 -28.94
N LYS A 236 -17.43 -8.48 -29.92
CA LYS A 236 -18.00 -7.54 -30.88
C LYS A 236 -18.92 -6.53 -30.17
N ASP A 237 -19.66 -7.02 -29.18
CA ASP A 237 -20.65 -6.22 -28.49
C ASP A 237 -20.03 -5.24 -27.49
N THR A 238 -18.98 -5.67 -26.81
CA THR A 238 -18.35 -4.86 -25.76
C THR A 238 -17.10 -4.18 -26.26
N GLN A 239 -16.48 -4.77 -27.26
CA GLN A 239 -15.20 -4.29 -27.76
C GLN A 239 -14.07 -4.39 -26.74
N VAL A 240 -14.17 -5.34 -25.82
CA VAL A 240 -13.01 -5.62 -24.98
C VAL A 240 -12.09 -6.62 -25.65
N GLU A 241 -10.79 -6.39 -25.54
CA GLU A 241 -9.80 -7.28 -26.12
C GLU A 241 -9.79 -8.63 -25.42
N MET A 242 -9.82 -9.71 -26.18
CA MET A 242 -9.63 -11.05 -25.63
C MET A 242 -8.59 -11.77 -26.47
N ILE A 243 -8.05 -12.87 -25.95
CA ILE A 243 -7.15 -13.69 -26.75
C ILE A 243 -7.87 -14.90 -27.34
N TYR A 244 -8.06 -14.86 -28.66
CA TYR A 244 -8.77 -15.90 -29.38
C TYR A 244 -8.13 -16.19 -30.73
N PRO A 245 -8.01 -17.48 -31.08
CA PRO A 245 -7.68 -17.93 -32.44
C PRO A 245 -8.64 -17.24 -33.38
N PRO A 246 -8.18 -16.83 -34.56
CA PRO A 246 -8.96 -15.92 -35.40
C PRO A 246 -10.23 -16.54 -36.02
N HIS A 247 -10.36 -17.86 -35.97
CA HIS A 247 -11.47 -18.56 -36.61
C HIS A 247 -12.73 -18.73 -35.73
N ILE A 248 -12.64 -18.31 -34.48
CA ILE A 248 -13.71 -18.57 -33.52
C ILE A 248 -14.97 -17.74 -33.79
N PRO A 249 -16.13 -18.40 -33.82
CA PRO A 249 -17.41 -17.72 -34.10
C PRO A 249 -17.74 -16.58 -33.14
N GLU A 250 -18.14 -15.45 -33.72
CA GLU A 250 -18.51 -14.24 -33.02
C GLU A 250 -19.20 -14.48 -31.68
N ASN A 251 -20.17 -15.37 -31.70
CA ASN A 251 -21.02 -15.65 -30.55
C ASN A 251 -20.28 -16.30 -29.38
N LEU A 252 -19.21 -17.03 -29.71
CA LEU A 252 -18.41 -17.76 -28.74
C LEU A 252 -17.14 -17.01 -28.34
N GLN A 253 -17.00 -15.77 -28.80
CA GLN A 253 -15.91 -14.93 -28.33
C GLN A 253 -16.31 -14.16 -27.06
N PHE A 254 -16.39 -14.88 -25.94
CA PHE A 254 -16.82 -14.31 -24.66
C PHE A 254 -15.84 -13.28 -24.12
N ALA A 255 -16.35 -12.20 -23.54
CA ALA A 255 -15.46 -11.08 -23.15
C ALA A 255 -14.91 -11.06 -21.70
N VAL A 256 -15.74 -11.22 -20.68
CA VAL A 256 -15.23 -11.46 -19.30
C VAL A 256 -14.09 -10.66 -18.61
N GLY A 257 -13.08 -10.14 -19.28
CA GLY A 257 -12.24 -9.29 -18.44
C GLY A 257 -10.89 -9.75 -17.88
N GLN A 258 -10.69 -11.05 -17.70
CA GLN A 258 -9.33 -11.57 -17.77
C GLN A 258 -9.18 -12.04 -19.21
N GLU A 259 -8.31 -11.39 -19.96
CA GLU A 259 -8.23 -11.60 -21.41
C GLU A 259 -7.82 -13.01 -21.83
N VAL A 260 -7.29 -13.80 -20.90
CA VAL A 260 -6.84 -15.13 -21.26
C VAL A 260 -7.89 -16.20 -20.97
N PHE A 261 -9.00 -15.84 -20.33
CA PHE A 261 -9.97 -16.83 -19.85
C PHE A 261 -10.77 -17.63 -20.90
N GLY A 262 -10.69 -17.27 -22.17
CA GLY A 262 -11.48 -17.94 -23.17
C GLY A 262 -10.78 -19.15 -23.75
N LEU A 263 -9.58 -19.45 -23.26
CA LEU A 263 -8.79 -20.52 -23.84
C LEU A 263 -9.07 -21.88 -23.21
N VAL A 264 -9.81 -21.87 -22.11
CA VAL A 264 -10.16 -23.09 -21.42
C VAL A 264 -11.63 -23.01 -21.01
N PRO A 265 -12.46 -23.94 -21.50
CA PRO A 265 -13.87 -23.91 -21.10
C PRO A 265 -14.09 -23.97 -19.58
N GLY A 266 -13.15 -24.54 -18.83
CA GLY A 266 -13.23 -24.59 -17.38
C GLY A 266 -13.10 -23.22 -16.75
N LEU A 267 -12.21 -22.39 -17.30
CA LEU A 267 -12.07 -21.01 -16.85
C LEU A 267 -13.38 -20.28 -17.12
N MET A 268 -13.90 -20.46 -18.34
CA MET A 268 -15.12 -19.79 -18.75
C MET A 268 -16.36 -20.23 -17.96
N MET A 269 -16.34 -21.46 -17.45
CA MET A 269 -17.41 -21.95 -16.56
C MET A 269 -17.49 -21.07 -15.32
N TYR A 270 -16.35 -20.84 -14.69
CA TYR A 270 -16.31 -19.99 -13.50
C TYR A 270 -16.53 -18.50 -13.84
N ALA A 271 -16.04 -18.05 -14.99
CA ALA A 271 -16.32 -16.70 -15.43
C ALA A 271 -17.85 -16.50 -15.51
N THR A 272 -18.55 -17.50 -16.03
CA THR A 272 -20.00 -17.40 -16.18
C THR A 272 -20.69 -17.39 -14.82
N ILE A 273 -20.28 -18.33 -13.96
CA ILE A 273 -20.83 -18.42 -12.62
C ILE A 273 -20.64 -17.11 -11.83
N TRP A 274 -19.43 -16.55 -11.87
CA TRP A 274 -19.16 -15.30 -11.14
C TRP A 274 -19.89 -14.10 -11.74
N LEU A 275 -19.98 -14.05 -13.07
CA LEU A 275 -20.81 -13.05 -13.73
C LEU A 275 -22.28 -13.11 -13.22
N ARG A 276 -22.87 -14.30 -13.31
CA ARG A 276 -24.21 -14.52 -12.79
C ARG A 276 -24.31 -14.05 -11.33
N GLU A 277 -23.33 -14.40 -10.52
CA GLU A 277 -23.36 -14.07 -9.11
C GLU A 277 -23.34 -12.55 -8.86
N HIS A 278 -22.56 -11.81 -9.64
CA HIS A 278 -22.51 -10.37 -9.47
C HIS A 278 -23.90 -9.76 -9.67
N ASN A 279 -24.57 -10.22 -10.71
CA ASN A 279 -25.87 -9.70 -11.08
C ASN A 279 -26.98 -10.12 -10.11
N ARG A 280 -26.83 -11.32 -9.53
CA ARG A 280 -27.71 -11.80 -8.47
C ARG A 280 -27.61 -10.88 -7.24
N VAL A 281 -26.38 -10.52 -6.89
CA VAL A 281 -26.19 -9.62 -5.76
C VAL A 281 -26.73 -8.22 -6.07
N CYS A 282 -26.65 -7.78 -7.33
CA CYS A 282 -27.25 -6.50 -7.71
C CYS A 282 -28.74 -6.50 -7.41
N ASP A 283 -29.43 -7.56 -7.82
CA ASP A 283 -30.86 -7.72 -7.55
C ASP A 283 -31.19 -7.63 -6.05
N ILE A 284 -30.50 -8.42 -5.22
CA ILE A 284 -30.68 -8.35 -3.76
C ILE A 284 -30.42 -6.94 -3.22
N LEU A 285 -29.38 -6.33 -3.72
CA LEU A 285 -28.97 -5.02 -3.26
C LEU A 285 -29.98 -3.98 -3.72
N LYS A 286 -30.52 -4.15 -4.92
CA LYS A 286 -31.51 -3.21 -5.43
C LYS A 286 -32.78 -3.30 -4.59
N GLN A 287 -33.18 -4.53 -4.28
CA GLN A 287 -34.34 -4.80 -3.45
C GLN A 287 -34.26 -4.08 -2.09
N GLU A 288 -33.08 -4.13 -1.50
CA GLU A 288 -32.76 -3.53 -0.20
C GLU A 288 -32.63 -2.01 -0.25
N HIS A 289 -32.21 -1.49 -1.39
CA HIS A 289 -31.93 -0.06 -1.52
C HIS A 289 -32.50 0.48 -2.82
N PRO A 290 -33.82 0.71 -2.85
CA PRO A 290 -34.47 1.29 -4.02
C PRO A 290 -33.90 2.67 -4.32
N GLU A 291 -33.38 3.37 -3.30
CA GLU A 291 -32.72 4.67 -3.50
C GLU A 291 -31.40 4.63 -4.27
N TRP A 292 -30.80 3.45 -4.42
CA TRP A 292 -29.41 3.43 -4.89
C TRP A 292 -29.32 3.61 -6.40
N GLY A 293 -28.24 4.24 -6.85
CA GLY A 293 -27.96 4.35 -8.27
C GLY A 293 -27.13 3.18 -8.75
N ASP A 294 -26.87 3.15 -10.06
CA ASP A 294 -25.99 2.15 -10.69
C ASP A 294 -24.57 2.09 -10.12
N GLU A 295 -23.89 3.24 -9.96
CA GLU A 295 -22.50 3.19 -9.46
C GLU A 295 -22.47 2.41 -8.16
N GLN A 296 -23.28 2.84 -7.19
CA GLN A 296 -23.19 2.29 -5.85
C GLN A 296 -23.55 0.81 -5.81
N LEU A 297 -24.48 0.39 -6.67
CA LEU A 297 -24.86 -1.01 -6.71
C LEU A 297 -23.70 -1.83 -7.27
N PHE A 298 -23.06 -1.31 -8.33
CA PHE A 298 -21.93 -2.01 -8.91
C PHE A 298 -20.79 -2.13 -7.91
N GLN A 299 -20.52 -1.04 -7.20
CA GLN A 299 -19.34 -0.97 -6.35
C GLN A 299 -19.57 -1.80 -5.10
N THR A 300 -20.79 -1.77 -4.57
CA THR A 300 -21.10 -2.58 -3.40
C THR A 300 -21.11 -4.09 -3.69
N SER A 301 -21.74 -4.47 -4.81
CA SER A 301 -21.75 -5.84 -5.26
C SER A 301 -20.30 -6.34 -5.42
N ARG A 302 -19.43 -5.48 -5.93
CA ARG A 302 -18.05 -5.84 -6.14
C ARG A 302 -17.34 -6.14 -4.81
N LEU A 303 -17.55 -5.27 -3.83
CA LEU A 303 -17.01 -5.52 -2.47
C LEU A 303 -17.52 -6.84 -1.87
N ILE A 304 -18.81 -7.11 -2.08
CA ILE A 304 -19.39 -8.36 -1.60
C ILE A 304 -18.74 -9.57 -2.28
N LEU A 305 -18.60 -9.53 -3.59
CA LEU A 305 -17.97 -10.68 -4.28
C LEU A 305 -16.53 -10.89 -3.81
N ILE A 306 -15.83 -9.81 -3.48
CA ILE A 306 -14.48 -9.95 -2.93
C ILE A 306 -14.50 -10.76 -1.63
N GLY A 307 -15.42 -10.41 -0.73
CA GLY A 307 -15.61 -11.13 0.51
C GLY A 307 -16.00 -12.60 0.31
N GLU A 308 -17.02 -12.84 -0.54
CA GLU A 308 -17.44 -14.19 -0.88
C GLU A 308 -16.25 -15.03 -1.33
N THR A 309 -15.40 -14.46 -2.17
CA THR A 309 -14.22 -15.17 -2.68
C THR A 309 -13.27 -15.61 -1.57
N ILE A 310 -12.95 -14.69 -0.66
CA ILE A 310 -12.03 -14.98 0.43
C ILE A 310 -12.60 -16.02 1.39
N LYS A 311 -13.88 -15.87 1.69
CA LYS A 311 -14.66 -16.84 2.45
C LYS A 311 -14.52 -18.25 1.85
N ILE A 312 -14.90 -18.39 0.59
CA ILE A 312 -14.80 -19.67 -0.11
C ILE A 312 -13.38 -20.19 -0.16
N VAL A 313 -12.43 -19.32 -0.52
CA VAL A 313 -11.03 -19.73 -0.62
C VAL A 313 -10.51 -20.33 0.69
N ILE A 314 -10.78 -19.67 1.81
CA ILE A 314 -10.34 -20.18 3.10
C ILE A 314 -11.14 -21.43 3.55
N GLU A 315 -12.47 -21.34 3.59
CA GLU A 315 -13.27 -22.37 4.26
C GLU A 315 -13.63 -23.61 3.41
N ASP A 316 -13.48 -23.51 2.10
CA ASP A 316 -13.75 -24.66 1.24
C ASP A 316 -12.49 -25.10 0.53
N TYR A 317 -11.80 -24.17 -0.12
CA TYR A 317 -10.66 -24.47 -0.98
C TYR A 317 -9.40 -24.82 -0.21
N VAL A 318 -8.98 -23.95 0.69
CA VAL A 318 -7.81 -24.21 1.53
C VAL A 318 -8.14 -25.33 2.52
N GLN A 319 -9.35 -25.30 3.07
CA GLN A 319 -9.85 -26.37 3.91
C GLN A 319 -9.62 -27.73 3.22
N HIS A 320 -10.03 -27.83 1.96
CA HIS A 320 -9.89 -29.09 1.25
C HIS A 320 -8.44 -29.52 1.13
N LEU A 321 -7.62 -28.67 0.53
CA LEU A 321 -6.23 -29.04 0.26
C LEU A 321 -5.35 -29.20 1.51
N SER A 322 -5.80 -28.69 2.65
CA SER A 322 -5.03 -28.82 3.88
C SER A 322 -5.03 -30.26 4.40
N GLY A 323 -6.18 -30.92 4.24
CA GLY A 323 -6.41 -32.22 4.86
C GLY A 323 -6.63 -32.15 6.36
N TYR A 324 -6.83 -30.94 6.91
CA TYR A 324 -6.96 -30.80 8.36
C TYR A 324 -8.34 -31.21 8.84
N HIS A 325 -8.42 -31.62 10.11
CA HIS A 325 -9.69 -31.91 10.76
C HIS A 325 -10.21 -30.65 11.45
N PHE A 326 -9.27 -29.78 11.82
CA PHE A 326 -9.61 -28.45 12.28
C PHE A 326 -10.36 -27.67 11.20
N LYS A 327 -11.40 -26.93 11.60
CA LYS A 327 -12.18 -26.16 10.64
C LYS A 327 -11.68 -24.73 10.51
N LEU A 328 -10.96 -24.44 9.44
CA LEU A 328 -10.49 -23.08 9.21
C LEU A 328 -11.66 -22.10 9.16
N LYS A 329 -11.38 -20.85 9.50
CA LYS A 329 -12.42 -19.85 9.68
C LYS A 329 -12.01 -18.54 9.02
N PHE A 330 -12.88 -18.00 8.19
CA PHE A 330 -12.69 -16.64 7.69
C PHE A 330 -13.31 -15.65 8.65
N ASP A 331 -12.46 -14.91 9.35
CA ASP A 331 -12.96 -13.94 10.30
C ASP A 331 -11.93 -12.86 10.60
N PRO A 332 -12.05 -11.72 9.90
CA PRO A 332 -11.11 -10.59 10.07
C PRO A 332 -10.91 -10.18 11.52
N GLU A 333 -11.92 -10.34 12.38
CA GLU A 333 -11.82 -9.92 13.78
C GLU A 333 -10.65 -10.58 14.52
N LEU A 334 -10.33 -11.81 14.13
CA LEU A 334 -9.23 -12.55 14.72
C LEU A 334 -7.97 -11.72 14.82
N LEU A 335 -7.80 -10.80 13.86
CA LEU A 335 -6.58 -10.00 13.78
C LEU A 335 -6.68 -8.59 14.37
N PHE A 336 -7.87 -8.17 14.80
CA PHE A 336 -8.03 -6.81 15.29
C PHE A 336 -7.15 -6.46 16.52
N ASN A 337 -6.80 -7.47 17.31
CA ASN A 337 -5.89 -7.22 18.42
C ASN A 337 -4.46 -7.72 18.14
N GLN A 338 -4.16 -8.01 16.89
CA GLN A 338 -2.83 -8.48 16.52
C GLN A 338 -2.12 -7.42 15.71
N GLN A 339 -0.79 -7.52 15.66
CA GLN A 339 -0.03 -6.70 14.72
C GLN A 339 -0.11 -7.34 13.34
N PHE A 340 -0.56 -6.57 12.36
CA PHE A 340 -0.76 -7.12 11.03
C PHE A 340 -0.85 -6.00 10.00
N GLN A 341 -0.19 -6.20 8.86
CA GLN A 341 -0.20 -5.18 7.82
C GLN A 341 -1.27 -5.47 6.78
N TYR A 342 -2.26 -4.58 6.67
CA TYR A 342 -3.28 -4.74 5.64
C TYR A 342 -2.78 -4.25 4.28
N GLN A 343 -1.83 -5.01 3.73
CA GLN A 343 -1.29 -4.75 2.39
C GLN A 343 -0.62 -6.01 1.87
N ASN A 344 -0.45 -6.09 0.57
CA ASN A 344 0.17 -7.27 0.01
C ASN A 344 0.88 -6.99 -1.30
N ARG A 345 1.96 -7.72 -1.51
CA ARG A 345 2.66 -7.69 -2.78
C ARG A 345 2.97 -9.12 -3.17
N ILE A 346 2.56 -9.51 -4.38
CA ILE A 346 2.71 -10.90 -4.76
C ILE A 346 4.14 -11.29 -5.19
N ALA A 347 4.65 -12.37 -4.60
CA ALA A 347 6.01 -12.80 -4.85
C ALA A 347 6.13 -13.64 -6.10
N SER A 348 7.24 -13.47 -6.80
CA SER A 348 7.55 -14.31 -7.93
C SER A 348 7.56 -15.80 -7.54
N GLU A 349 8.10 -16.15 -6.38
CA GLU A 349 8.15 -17.56 -5.98
C GLU A 349 6.74 -18.11 -5.72
N PHE A 350 5.79 -17.22 -5.40
CA PHE A 350 4.40 -17.64 -5.21
C PHE A 350 3.79 -18.05 -6.56
N ASN A 351 4.07 -17.26 -7.59
CA ASN A 351 3.70 -17.61 -8.96
C ASN A 351 4.29 -19.00 -9.32
N THR A 352 5.59 -19.14 -9.10
CA THR A 352 6.33 -20.36 -9.44
C THR A 352 5.76 -21.62 -8.80
N LEU A 353 5.51 -21.57 -7.50
CA LEU A 353 5.08 -22.75 -6.77
C LEU A 353 3.65 -23.13 -7.10
N TYR A 354 2.87 -22.15 -7.55
CA TYR A 354 1.47 -22.36 -7.91
C TYR A 354 1.23 -22.99 -9.30
N HIS A 355 2.32 -23.29 -10.02
CA HIS A 355 2.22 -24.04 -11.28
C HIS A 355 1.83 -25.51 -11.04
N TRP A 356 0.53 -25.75 -10.86
CA TRP A 356 0.03 -27.05 -10.47
C TRP A 356 -0.53 -27.85 -11.64
N HIS A 357 0.17 -27.83 -12.77
CA HIS A 357 -0.30 -28.54 -13.96
C HIS A 357 -0.44 -30.07 -13.84
N PRO A 358 0.29 -30.70 -12.90
CA PRO A 358 0.02 -32.11 -12.64
C PRO A 358 -1.43 -32.39 -12.29
N LEU A 359 -2.19 -31.38 -11.85
CA LEU A 359 -3.59 -31.56 -11.51
C LEU A 359 -4.43 -31.98 -12.72
N LEU A 360 -3.97 -31.60 -13.91
CA LEU A 360 -4.78 -31.76 -15.12
C LEU A 360 -4.87 -33.22 -15.52
N PRO A 361 -6.07 -33.66 -15.92
CA PRO A 361 -6.21 -35.07 -16.35
C PRO A 361 -5.65 -35.29 -17.75
N ASP A 362 -5.64 -36.55 -18.21
CA ASP A 362 -5.29 -36.86 -19.60
C ASP A 362 -6.38 -36.41 -20.59
N THR A 363 -7.63 -36.61 -20.18
CA THR A 363 -8.78 -36.15 -20.97
C THR A 363 -9.79 -35.42 -20.08
N PHE A 364 -10.63 -34.61 -20.71
CA PHE A 364 -11.67 -33.88 -19.99
C PHE A 364 -13.01 -34.56 -20.24
N ASN A 365 -13.57 -35.12 -19.17
CA ASN A 365 -14.73 -35.97 -19.29
C ASN A 365 -16.00 -35.23 -18.92
N ILE A 366 -16.65 -34.62 -19.91
CA ILE A 366 -17.90 -33.91 -19.66
C ILE A 366 -19.02 -34.89 -19.84
N GLU A 367 -19.55 -35.37 -18.72
CA GLU A 367 -20.42 -36.52 -18.67
C GLU A 367 -20.92 -36.95 -20.03
N ASP A 368 -20.31 -38.02 -20.53
CA ASP A 368 -20.65 -38.70 -21.78
C ASP A 368 -19.49 -38.69 -22.78
N GLN A 369 -18.85 -37.54 -22.92
CA GLN A 369 -17.77 -37.37 -23.89
C GLN A 369 -16.41 -37.32 -23.20
N GLU A 370 -15.35 -37.38 -23.99
CA GLU A 370 -14.00 -37.30 -23.45
C GLU A 370 -13.13 -36.51 -24.39
N TYR A 371 -12.89 -35.25 -24.07
CA TYR A 371 -12.12 -34.39 -24.95
C TYR A 371 -10.62 -34.44 -24.67
N SER A 372 -9.84 -34.39 -25.73
CA SER A 372 -8.39 -34.28 -25.61
C SER A 372 -8.04 -32.81 -25.41
N PHE A 373 -6.83 -32.54 -24.93
CA PHE A 373 -6.38 -31.17 -24.76
C PHE A 373 -6.62 -30.34 -26.01
N LYS A 374 -6.19 -30.84 -27.16
CA LYS A 374 -6.33 -30.13 -28.42
C LYS A 374 -7.78 -29.72 -28.68
N GLN A 375 -8.70 -30.64 -28.36
CA GLN A 375 -10.13 -30.39 -28.53
C GLN A 375 -10.66 -29.38 -27.53
N PHE A 376 -10.03 -29.34 -26.36
CA PHE A 376 -10.59 -28.61 -25.23
C PHE A 376 -10.24 -27.12 -25.34
N LEU A 377 -8.98 -26.82 -25.69
CA LEU A 377 -8.46 -25.45 -25.76
C LEU A 377 -9.23 -24.52 -26.68
N TYR A 378 -9.36 -23.26 -26.26
CA TYR A 378 -10.09 -22.23 -26.99
C TYR A 378 -11.32 -22.81 -27.70
N ASN A 379 -12.23 -23.36 -26.91
CA ASN A 379 -13.37 -24.05 -27.49
C ASN A 379 -14.63 -23.97 -26.64
N ASN A 380 -15.31 -22.83 -26.67
CA ASN A 380 -16.45 -22.62 -25.78
C ASN A 380 -17.74 -23.34 -26.21
N SER A 381 -17.76 -23.85 -27.44
CA SER A 381 -18.97 -24.55 -27.91
C SER A 381 -19.26 -25.75 -27.03
N ILE A 382 -18.23 -26.30 -26.39
CA ILE A 382 -18.42 -27.37 -25.43
C ILE A 382 -19.28 -26.90 -24.27
N LEU A 383 -18.99 -25.71 -23.75
CA LEU A 383 -19.75 -25.15 -22.64
C LEU A 383 -21.20 -24.94 -23.07
N LEU A 384 -21.39 -24.34 -24.24
CA LEU A 384 -22.73 -24.17 -24.78
C LEU A 384 -23.43 -25.51 -24.98
N GLU A 385 -22.73 -26.42 -25.66
CA GLU A 385 -23.22 -27.78 -25.91
C GLU A 385 -23.74 -28.52 -24.69
N HIS A 386 -22.93 -28.58 -23.63
CA HIS A 386 -23.32 -29.35 -22.46
C HIS A 386 -24.09 -28.54 -21.43
N GLY A 387 -23.84 -27.24 -21.40
CA GLY A 387 -24.49 -26.37 -20.42
C GLY A 387 -23.75 -26.43 -19.09
N LEU A 388 -24.07 -25.50 -18.20
CA LEU A 388 -23.33 -25.33 -16.96
C LEU A 388 -23.64 -26.40 -15.93
N THR A 389 -24.89 -26.81 -15.87
CA THR A 389 -25.29 -27.85 -14.91
C THR A 389 -24.48 -29.13 -15.13
N GLN A 390 -24.51 -29.64 -16.37
CA GLN A 390 -23.51 -30.60 -16.82
C GLN A 390 -22.27 -29.73 -16.83
N PHE A 391 -21.09 -30.29 -16.59
CA PHE A 391 -19.88 -29.48 -16.35
C PHE A 391 -19.65 -29.46 -14.87
N VAL A 392 -20.60 -28.87 -14.14
CA VAL A 392 -20.52 -28.95 -12.69
C VAL A 392 -20.58 -30.40 -12.26
N GLU A 393 -21.60 -31.12 -12.71
CA GLU A 393 -21.76 -32.50 -12.30
C GLU A 393 -20.58 -33.34 -12.75
N SER A 394 -20.12 -33.12 -13.98
CA SER A 394 -18.99 -33.88 -14.53
C SER A 394 -17.69 -33.53 -13.81
N PHE A 395 -17.41 -32.25 -13.68
CA PHE A 395 -16.18 -31.82 -13.04
C PHE A 395 -16.13 -32.18 -11.55
N THR A 396 -17.29 -32.26 -10.93
CA THR A 396 -17.35 -32.71 -9.55
C THR A 396 -16.90 -34.16 -9.43
N ARG A 397 -17.15 -34.93 -10.48
CA ARG A 397 -16.88 -36.36 -10.42
C ARG A 397 -15.48 -36.78 -10.88
N GLN A 398 -14.83 -35.96 -11.70
CA GLN A 398 -13.52 -36.35 -12.22
C GLN A 398 -12.33 -35.98 -11.31
N ILE A 399 -11.54 -36.97 -10.88
CA ILE A 399 -10.34 -36.70 -10.09
C ILE A 399 -9.29 -35.94 -10.88
N ALA A 400 -8.65 -35.01 -10.19
CA ALA A 400 -7.46 -34.36 -10.68
C ALA A 400 -6.26 -35.22 -10.29
N GLY A 401 -5.09 -34.92 -10.84
CA GLY A 401 -3.89 -35.64 -10.50
C GLY A 401 -3.14 -35.06 -9.31
N ARG A 402 -2.29 -35.91 -8.73
CA ARG A 402 -1.36 -35.56 -7.67
C ARG A 402 -0.29 -34.59 -8.18
N VAL A 403 0.11 -33.64 -7.35
CA VAL A 403 1.07 -32.61 -7.76
C VAL A 403 2.50 -32.95 -7.40
N ALA A 404 2.77 -33.21 -6.13
CA ALA A 404 4.11 -33.67 -5.74
C ALA A 404 4.29 -35.17 -6.03
N GLY A 405 5.48 -35.69 -5.82
CA GLY A 405 5.70 -37.13 -5.95
C GLY A 405 6.27 -37.59 -7.29
N GLY A 406 6.45 -36.65 -8.22
CA GLY A 406 7.18 -36.91 -9.44
C GLY A 406 6.35 -37.31 -10.65
N ARG A 407 6.91 -37.03 -11.83
CA ARG A 407 6.43 -37.60 -13.08
C ARG A 407 4.91 -37.59 -13.25
N ASN A 408 4.31 -36.41 -13.15
CA ASN A 408 2.87 -36.30 -13.35
C ASN A 408 2.45 -35.07 -14.12
N VAL A 409 3.41 -34.40 -14.79
CA VAL A 409 3.10 -33.28 -15.66
C VAL A 409 2.64 -33.78 -17.03
N PRO A 410 1.39 -33.46 -17.41
CA PRO A 410 0.88 -33.92 -18.70
C PRO A 410 1.78 -33.45 -19.83
N ILE A 411 2.04 -34.30 -20.82
CA ILE A 411 2.91 -33.93 -21.94
C ILE A 411 2.35 -32.75 -22.71
N ALA A 412 1.02 -32.57 -22.69
CA ALA A 412 0.37 -31.50 -23.44
C ALA A 412 0.82 -30.12 -22.97
N VAL A 413 1.26 -30.01 -21.71
CA VAL A 413 1.79 -28.75 -21.22
C VAL A 413 3.29 -28.80 -20.90
N GLN A 414 4.02 -29.73 -21.53
CA GLN A 414 5.46 -29.83 -21.28
C GLN A 414 6.19 -28.51 -21.55
N ALA A 415 5.79 -27.77 -22.57
CA ALA A 415 6.46 -26.52 -22.92
C ALA A 415 6.34 -25.52 -21.79
N VAL A 416 5.21 -25.59 -21.08
CA VAL A 416 4.97 -24.73 -19.94
C VAL A 416 5.86 -25.14 -18.78
N ALA A 417 5.85 -26.42 -18.43
CA ALA A 417 6.72 -26.90 -17.36
C ALA A 417 8.19 -26.56 -17.61
N LYS A 418 8.63 -26.61 -18.86
CA LYS A 418 10.02 -26.31 -19.17
C LYS A 418 10.31 -24.83 -18.95
N ALA A 419 9.40 -23.98 -19.41
CA ALA A 419 9.50 -22.53 -19.23
C ALA A 419 9.64 -22.14 -17.76
N SER A 420 8.95 -22.87 -16.88
CA SER A 420 9.07 -22.64 -15.45
C SER A 420 10.49 -22.85 -14.99
N ILE A 421 11.12 -23.93 -15.44
CA ILE A 421 12.52 -24.15 -15.11
C ILE A 421 13.37 -23.01 -15.69
N ASP A 422 13.17 -22.72 -16.97
CA ASP A 422 14.00 -21.72 -17.67
C ASP A 422 13.85 -20.33 -17.08
N GLN A 423 12.62 -19.94 -16.78
CA GLN A 423 12.40 -18.58 -16.29
C GLN A 423 12.86 -18.45 -14.84
N SER A 424 12.77 -19.54 -14.07
CA SER A 424 13.39 -19.61 -12.75
C SER A 424 14.87 -19.26 -12.78
N ARG A 425 15.58 -19.83 -13.75
CA ARG A 425 17.00 -19.61 -13.87
C ARG A 425 17.30 -18.22 -14.38
N GLU A 426 16.43 -17.75 -15.27
CA GLU A 426 16.57 -16.45 -15.88
C GLU A 426 16.43 -15.39 -14.80
N MET A 427 15.51 -15.63 -13.87
CA MET A 427 15.27 -14.74 -12.76
C MET A 427 16.25 -14.97 -11.59
N LYS A 428 17.26 -15.82 -11.82
CA LYS A 428 18.30 -16.11 -10.82
C LYS A 428 17.78 -16.51 -9.43
N TYR A 429 16.92 -17.53 -9.37
CA TYR A 429 16.44 -18.06 -8.10
C TYR A 429 17.57 -18.73 -7.34
N GLN A 430 17.57 -18.56 -6.02
CA GLN A 430 18.45 -19.33 -5.17
C GLN A 430 17.95 -20.78 -5.07
N SER A 431 18.74 -21.64 -4.44
CA SER A 431 18.44 -23.07 -4.43
C SER A 431 17.21 -23.44 -3.61
N LEU A 432 16.76 -24.68 -3.79
CA LEU A 432 15.74 -25.29 -2.96
C LEU A 432 16.09 -25.16 -1.49
N ASN A 433 17.31 -25.58 -1.13
CA ASN A 433 17.75 -25.47 0.26
C ASN A 433 17.82 -24.03 0.79
N GLU A 434 18.19 -23.07 -0.05
CA GLU A 434 18.11 -21.67 0.40
C GLU A 434 16.67 -21.32 0.74
N TYR A 435 15.71 -21.73 -0.08
CA TYR A 435 14.29 -21.45 0.21
C TYR A 435 13.74 -22.20 1.43
N ARG A 436 14.26 -23.39 1.70
CA ARG A 436 13.78 -24.13 2.86
C ARG A 436 14.20 -23.39 4.12
N LYS A 437 15.45 -22.94 4.15
CA LYS A 437 15.95 -22.12 5.26
C LYS A 437 15.15 -20.82 5.48
N ARG A 438 14.96 -20.06 4.40
CA ARG A 438 14.13 -18.86 4.37
C ARG A 438 12.78 -19.08 5.09
N PHE A 439 12.18 -20.26 4.92
CA PHE A 439 10.88 -20.57 5.53
C PHE A 439 10.98 -21.54 6.73
N SER A 440 12.15 -21.55 7.37
CA SER A 440 12.32 -22.31 8.62
C SER A 440 12.23 -23.82 8.48
N LEU A 441 12.58 -24.34 7.31
CA LEU A 441 12.63 -25.78 7.10
C LEU A 441 14.07 -26.26 7.14
N LYS A 442 14.28 -27.53 7.46
CA LYS A 442 15.61 -28.10 7.41
C LYS A 442 16.02 -28.44 5.97
N PRO A 443 17.17 -27.94 5.53
CA PRO A 443 17.74 -28.28 4.22
C PRO A 443 17.88 -29.79 4.05
N TYR A 444 17.51 -30.29 2.87
CA TYR A 444 17.64 -31.71 2.57
C TYR A 444 19.12 -32.08 2.46
N THR A 445 19.48 -33.28 2.91
CA THR A 445 20.87 -33.75 2.87
C THR A 445 21.17 -34.69 1.71
N SER A 446 20.15 -35.14 1.01
CA SER A 446 20.33 -35.96 -0.18
C SER A 446 19.08 -35.93 -1.04
N PHE A 447 19.22 -36.23 -2.32
CA PHE A 447 18.07 -36.28 -3.22
C PHE A 447 17.06 -37.34 -2.77
N GLU A 448 17.57 -38.43 -2.21
CA GLU A 448 16.74 -39.50 -1.70
C GLU A 448 15.87 -39.04 -0.51
N GLU A 449 16.37 -38.09 0.29
CA GLU A 449 15.54 -37.48 1.32
C GLU A 449 14.45 -36.61 0.67
N LEU A 450 14.79 -35.95 -0.43
CA LEU A 450 13.82 -35.09 -1.11
C LEU A 450 12.66 -35.92 -1.67
N THR A 451 12.95 -37.01 -2.35
CA THR A 451 11.91 -37.72 -3.08
C THR A 451 11.30 -38.86 -2.27
N GLY A 452 12.05 -39.40 -1.31
CA GLY A 452 11.58 -40.52 -0.53
C GLY A 452 11.61 -41.86 -1.27
N GLU A 453 12.07 -41.84 -2.53
CA GLU A 453 12.24 -43.07 -3.31
C GLU A 453 13.67 -43.12 -3.84
N LYS A 454 13.99 -44.02 -4.76
CA LYS A 454 15.38 -44.16 -5.19
C LYS A 454 15.66 -43.89 -6.65
N GLU A 455 14.72 -44.28 -7.51
CA GLU A 455 14.86 -44.12 -8.95
C GLU A 455 15.01 -42.64 -9.35
N MET A 456 14.02 -41.82 -9.02
CA MET A 456 14.08 -40.39 -9.33
C MET A 456 15.27 -39.74 -8.63
N ALA A 457 15.54 -40.17 -7.41
CA ALA A 457 16.67 -39.63 -6.66
C ALA A 457 17.97 -39.77 -7.43
N ALA A 458 18.21 -40.94 -8.03
CA ALA A 458 19.46 -41.20 -8.74
C ALA A 458 19.57 -40.41 -10.03
N GLU A 459 18.47 -40.32 -10.75
CA GLU A 459 18.42 -39.51 -11.96
C GLU A 459 18.79 -38.04 -11.64
N LEU A 460 18.23 -37.54 -10.54
CA LEU A 460 18.52 -36.18 -10.08
C LEU A 460 19.99 -36.03 -9.69
N LYS A 461 20.54 -37.04 -9.01
CA LYS A 461 21.91 -36.93 -8.54
C LYS A 461 22.90 -36.85 -9.70
N ALA A 462 22.62 -37.57 -10.77
CA ALA A 462 23.52 -37.55 -11.91
C ALA A 462 23.48 -36.20 -12.61
N LEU A 463 22.31 -35.57 -12.60
CA LEU A 463 22.11 -34.26 -13.21
C LEU A 463 22.66 -33.07 -12.39
N TYR A 464 22.33 -33.03 -11.10
CA TYR A 464 22.72 -31.90 -10.22
C TYR A 464 24.01 -32.10 -9.43
N SER A 465 24.28 -33.35 -9.03
CA SER A 465 25.54 -33.69 -8.34
C SER A 465 25.55 -33.32 -6.86
N ASP A 466 25.01 -32.15 -6.52
CA ASP A 466 24.94 -31.69 -5.14
C ASP A 466 23.50 -31.28 -4.77
N ILE A 467 22.98 -31.81 -3.66
CA ILE A 467 21.64 -31.48 -3.20
C ILE A 467 21.45 -29.98 -2.93
N ASP A 468 22.47 -29.33 -2.40
CA ASP A 468 22.39 -27.90 -2.11
C ASP A 468 22.31 -27.04 -3.37
N VAL A 469 22.20 -27.70 -4.52
CA VAL A 469 22.18 -27.01 -5.79
C VAL A 469 20.91 -27.37 -6.57
N MET A 470 20.11 -28.28 -6.01
CA MET A 470 18.80 -28.58 -6.56
C MET A 470 17.93 -27.32 -6.63
N GLU A 471 17.08 -27.21 -7.66
CA GLU A 471 16.25 -26.02 -7.87
C GLU A 471 14.85 -26.16 -7.25
N LEU A 472 14.22 -25.02 -6.99
CA LEU A 472 12.94 -24.96 -6.30
C LEU A 472 11.78 -25.60 -7.08
N TYR A 473 11.60 -25.18 -8.33
CA TYR A 473 10.42 -25.62 -9.06
C TYR A 473 10.36 -27.15 -9.26
N PRO A 474 11.41 -27.75 -9.85
CA PRO A 474 11.48 -29.20 -10.06
C PRO A 474 11.21 -29.93 -8.75
N ALA A 475 11.80 -29.42 -7.68
CA ALA A 475 11.76 -30.07 -6.39
C ALA A 475 10.36 -30.15 -5.78
N LEU A 476 9.55 -29.11 -6.00
CA LEU A 476 8.19 -29.10 -5.45
C LEU A 476 7.34 -30.21 -6.04
N LEU A 477 7.56 -30.50 -7.33
CA LEU A 477 6.73 -31.47 -8.03
C LEU A 477 7.25 -32.89 -7.84
N VAL A 478 8.49 -33.01 -7.38
CA VAL A 478 9.16 -34.30 -7.27
C VAL A 478 9.23 -34.72 -5.80
N GLU A 479 9.11 -33.74 -4.92
CA GLU A 479 9.18 -33.96 -3.49
C GLU A 479 8.26 -35.10 -3.02
N LYS A 480 8.70 -35.80 -1.97
CA LYS A 480 7.91 -36.80 -1.28
C LYS A 480 6.65 -36.19 -0.69
N PRO A 481 5.47 -36.67 -1.11
CA PRO A 481 4.21 -36.16 -0.56
C PRO A 481 4.05 -36.54 0.89
N ARG A 482 3.32 -35.73 1.65
CA ARG A 482 2.85 -36.18 2.95
C ARG A 482 2.07 -37.50 2.76
N PRO A 483 2.05 -38.36 3.80
CA PRO A 483 1.47 -39.70 3.68
C PRO A 483 0.46 -39.90 2.55
N ASP A 484 -0.77 -39.44 2.69
CA ASP A 484 -1.70 -39.65 1.57
C ASP A 484 -2.17 -38.32 0.99
N ALA A 485 -1.24 -37.40 0.82
CA ALA A 485 -1.56 -36.02 0.47
C ALA A 485 -1.14 -35.64 -0.96
N ILE A 486 -1.60 -34.48 -1.40
CA ILE A 486 -1.29 -34.01 -2.74
C ILE A 486 0.09 -33.30 -2.82
N PHE A 487 0.58 -32.78 -1.69
CA PHE A 487 1.79 -31.93 -1.66
C PHE A 487 2.82 -32.42 -0.65
N GLY A 488 4.08 -32.08 -0.90
CA GLY A 488 5.12 -32.29 0.09
C GLY A 488 5.22 -31.16 1.12
N GLU A 489 6.17 -31.27 2.03
CA GLU A 489 6.38 -30.28 3.06
C GLU A 489 6.65 -28.90 2.49
N THR A 490 7.43 -28.82 1.41
CA THR A 490 7.89 -27.53 0.92
C THR A 490 6.75 -26.71 0.32
N MET A 491 5.86 -27.38 -0.40
CA MET A 491 4.74 -26.72 -1.04
C MET A 491 3.88 -26.02 0.00
N VAL A 492 3.60 -26.72 1.11
CA VAL A 492 2.72 -26.19 2.13
C VAL A 492 3.37 -25.08 2.93
N GLU A 493 4.62 -25.29 3.33
CA GLU A 493 5.26 -24.32 4.21
C GLU A 493 5.66 -23.03 3.48
N LEU A 494 5.82 -23.06 2.16
CA LEU A 494 5.99 -21.82 1.41
C LEU A 494 4.64 -21.26 0.94
N GLY A 495 3.75 -22.14 0.49
CA GLY A 495 2.46 -21.71 -0.02
C GLY A 495 1.59 -21.02 1.02
N ALA A 496 1.45 -21.63 2.19
CA ALA A 496 0.57 -21.09 3.21
C ALA A 496 0.84 -19.61 3.59
N PRO A 497 2.10 -19.26 3.94
CA PRO A 497 2.40 -17.86 4.23
C PRO A 497 1.98 -16.89 3.10
N PHE A 498 2.36 -17.16 1.86
CA PHE A 498 2.00 -16.26 0.76
C PHE A 498 0.48 -16.16 0.66
N SER A 499 -0.16 -17.32 0.73
CA SER A 499 -1.58 -17.41 0.51
C SER A 499 -2.40 -16.63 1.54
N LEU A 500 -2.14 -16.88 2.82
CA LEU A 500 -2.96 -16.29 3.87
C LEU A 500 -2.68 -14.79 4.04
N LYS A 501 -1.48 -14.38 3.64
CA LYS A 501 -1.10 -12.98 3.68
C LYS A 501 -1.88 -12.23 2.62
N GLY A 502 -2.01 -12.85 1.44
CA GLY A 502 -2.76 -12.28 0.34
C GLY A 502 -4.25 -12.19 0.62
N LEU A 503 -4.76 -13.15 1.38
CA LEU A 503 -6.18 -13.20 1.70
C LEU A 503 -6.57 -12.19 2.77
N MET A 504 -5.84 -12.17 3.89
CA MET A 504 -6.23 -11.32 5.00
C MET A 504 -5.68 -9.91 4.81
N GLY A 505 -4.69 -9.77 3.94
CA GLY A 505 -4.13 -8.47 3.64
C GLY A 505 -5.14 -7.51 3.03
N ASN A 506 -6.09 -8.02 2.27
CA ASN A 506 -7.13 -7.22 1.64
C ASN A 506 -7.67 -6.10 2.53
N PRO A 507 -7.83 -4.89 1.96
CA PRO A 507 -8.47 -3.80 2.71
C PRO A 507 -9.86 -4.19 3.27
N ILE A 508 -10.62 -5.07 2.62
CA ILE A 508 -11.93 -5.37 3.21
C ILE A 508 -11.82 -6.09 4.56
N CYS A 509 -10.63 -6.59 4.88
CA CYS A 509 -10.41 -7.24 6.18
C CYS A 509 -9.99 -6.25 7.29
N SER A 510 -9.70 -5.01 6.93
CA SER A 510 -9.32 -4.03 7.94
C SER A 510 -10.52 -3.57 8.81
N PRO A 511 -10.23 -3.14 10.05
CA PRO A 511 -11.31 -2.76 10.96
C PRO A 511 -12.25 -1.71 10.36
N GLN A 512 -11.72 -0.72 9.63
CA GLN A 512 -12.57 0.31 9.04
C GLN A 512 -13.49 -0.17 7.91
N TYR A 513 -13.11 -1.26 7.23
CA TYR A 513 -13.95 -1.82 6.18
C TYR A 513 -14.88 -2.93 6.67
N TRP A 514 -14.43 -3.68 7.68
CA TRP A 514 -15.15 -4.88 8.07
C TRP A 514 -16.33 -4.60 9.00
N LYS A 515 -17.39 -4.07 8.43
CA LYS A 515 -18.63 -3.79 9.15
C LYS A 515 -19.74 -3.78 8.10
N PRO A 516 -21.00 -3.95 8.53
CA PRO A 516 -22.09 -4.16 7.56
C PRO A 516 -22.31 -3.00 6.58
N SER A 517 -22.10 -1.76 7.00
CA SER A 517 -22.39 -0.63 6.13
C SER A 517 -21.56 -0.66 4.86
N THR A 518 -20.35 -1.22 4.95
CA THR A 518 -19.48 -1.33 3.79
C THR A 518 -20.12 -2.15 2.67
N PHE A 519 -20.99 -3.07 3.05
CA PHE A 519 -21.54 -4.04 2.12
C PHE A 519 -23.04 -3.89 1.93
N GLY A 520 -23.57 -2.70 2.17
CA GLY A 520 -24.97 -2.42 1.93
C GLY A 520 -25.88 -2.83 3.08
N GLY A 521 -25.29 -3.07 4.23
CA GLY A 521 -26.04 -3.45 5.41
C GLY A 521 -25.91 -4.92 5.76
N GLU A 522 -26.67 -5.32 6.77
CA GLU A 522 -26.71 -6.69 7.28
C GLU A 522 -26.91 -7.74 6.18
N VAL A 523 -27.83 -7.48 5.25
CA VAL A 523 -28.07 -8.38 4.12
C VAL A 523 -26.83 -8.69 3.26
N GLY A 524 -26.18 -7.65 2.73
CA GLY A 524 -24.93 -7.82 1.98
C GLY A 524 -23.86 -8.55 2.78
N PHE A 525 -23.73 -8.19 4.05
CA PHE A 525 -22.75 -8.80 4.96
C PHE A 525 -22.94 -10.31 5.12
N LYS A 526 -24.19 -10.78 5.14
CA LYS A 526 -24.45 -12.21 5.33
C LYS A 526 -24.09 -13.02 4.09
N ILE A 527 -24.22 -12.40 2.93
CA ILE A 527 -23.83 -13.03 1.68
C ILE A 527 -22.38 -13.48 1.76
N ILE A 528 -21.54 -12.65 2.36
CA ILE A 528 -20.12 -12.96 2.50
C ILE A 528 -19.89 -14.02 3.55
N ASN A 529 -20.45 -13.81 4.73
CA ASN A 529 -20.21 -14.66 5.88
C ASN A 529 -20.88 -16.04 5.80
N THR A 530 -21.81 -16.21 4.86
CA THR A 530 -22.43 -17.51 4.62
C THR A 530 -22.06 -18.12 3.27
N ALA A 531 -21.18 -17.47 2.52
CA ALA A 531 -20.78 -17.94 1.19
C ALA A 531 -20.08 -19.30 1.25
N SER A 532 -20.30 -20.12 0.23
CA SER A 532 -19.65 -21.43 0.09
C SER A 532 -19.64 -21.86 -1.37
N ILE A 533 -18.78 -22.83 -1.70
CA ILE A 533 -18.74 -23.31 -3.08
C ILE A 533 -20.08 -23.94 -3.49
N GLN A 534 -20.74 -24.61 -2.55
CA GLN A 534 -22.05 -25.19 -2.84
C GLN A 534 -23.12 -24.14 -3.16
N SER A 535 -23.18 -23.07 -2.37
CA SER A 535 -24.19 -22.03 -2.59
C SER A 535 -23.86 -21.14 -3.79
N LEU A 536 -22.58 -20.92 -4.06
CA LEU A 536 -22.19 -20.26 -5.31
C LEU A 536 -22.82 -20.99 -6.51
N ILE A 537 -22.60 -22.31 -6.59
CA ILE A 537 -23.17 -23.13 -7.66
C ILE A 537 -24.70 -23.20 -7.55
N CYS A 538 -25.19 -23.47 -6.35
CA CYS A 538 -26.62 -23.63 -6.15
C CYS A 538 -27.43 -22.43 -6.65
N ASN A 539 -27.06 -21.23 -6.19
CA ASN A 539 -27.72 -19.99 -6.60
C ASN A 539 -27.65 -19.66 -8.08
N ASN A 540 -26.60 -20.10 -8.78
CA ASN A 540 -26.32 -19.58 -10.11
C ASN A 540 -26.40 -20.56 -11.27
N VAL A 541 -26.50 -21.85 -10.94
CA VAL A 541 -26.47 -22.91 -11.94
C VAL A 541 -27.85 -23.58 -12.05
N LYS A 542 -28.37 -23.60 -13.27
CA LYS A 542 -29.73 -24.05 -13.63
C LYS A 542 -30.42 -24.98 -12.65
N GLY A 543 -29.94 -26.21 -12.51
CA GLY A 543 -30.59 -27.10 -11.58
C GLY A 543 -30.25 -26.58 -10.22
N CYS A 544 -29.84 -27.44 -9.31
CA CYS A 544 -29.02 -26.91 -8.21
C CYS A 544 -28.02 -27.99 -7.90
N PRO A 545 -27.14 -28.28 -8.87
CA PRO A 545 -26.35 -29.50 -8.72
C PRO A 545 -25.49 -29.41 -7.47
N PHE A 546 -25.12 -30.55 -6.92
CA PHE A 546 -24.23 -30.61 -5.78
C PHE A 546 -22.80 -30.52 -6.28
N THR A 547 -21.94 -29.85 -5.52
CA THR A 547 -20.50 -29.82 -5.78
C THR A 547 -19.70 -29.81 -4.51
N SER A 548 -18.41 -30.00 -4.68
CA SER A 548 -17.40 -29.79 -3.66
C SER A 548 -16.08 -29.88 -4.41
N PHE A 549 -14.97 -29.70 -3.69
CA PHE A 549 -13.67 -29.75 -4.34
C PHE A 549 -13.14 -31.18 -4.24
N ASN A 550 -13.98 -32.02 -3.68
CA ASN A 550 -13.61 -33.36 -3.35
C ASN A 550 -14.46 -34.34 -4.18
N VAL A 551 -13.79 -35.34 -4.75
CA VAL A 551 -14.42 -36.23 -5.70
C VAL A 551 -15.36 -37.23 -5.04
N GLN A 552 -15.40 -37.20 -3.70
CA GLN A 552 -16.21 -38.13 -2.92
C GLN A 552 -15.88 -39.59 -3.23
N ALA B 1 -32.54 15.27 -0.92
CA ALA B 1 -33.20 13.97 -1.03
C ALA B 1 -32.50 12.88 -0.19
N ASN B 2 -31.19 12.73 -0.38
CA ASN B 2 -30.44 11.76 0.41
C ASN B 2 -30.76 11.89 1.91
N PRO B 3 -31.28 10.81 2.51
CA PRO B 3 -31.59 10.80 3.94
C PRO B 3 -30.39 11.08 4.87
N CYS B 4 -29.17 10.92 4.36
CA CYS B 4 -27.96 11.11 5.16
C CYS B 4 -27.39 12.53 5.05
N CYS B 5 -28.16 13.44 4.43
CA CYS B 5 -27.70 14.80 4.20
C CYS B 5 -27.47 15.60 5.48
N SER B 6 -28.18 15.25 6.55
CA SER B 6 -28.01 15.94 7.81
C SER B 6 -26.74 15.51 8.57
N ASN B 7 -26.03 14.49 8.07
CA ASN B 7 -24.96 13.87 8.84
C ASN B 7 -25.43 13.47 10.25
N PRO B 8 -26.48 12.64 10.33
CA PRO B 8 -27.10 12.25 11.61
C PRO B 8 -26.16 11.47 12.54
N CYS B 9 -25.41 10.52 11.97
CA CYS B 9 -24.55 9.62 12.75
C CYS B 9 -23.39 10.35 13.42
N GLN B 10 -23.22 10.14 14.72
CA GLN B 10 -22.16 10.82 15.46
C GLN B 10 -21.05 9.86 15.84
N ASN B 11 -19.96 10.41 16.37
CA ASN B 11 -18.90 9.60 16.97
C ASN B 11 -18.28 8.59 16.01
N ARG B 12 -18.23 8.96 14.74
CA ARG B 12 -17.55 8.16 13.73
C ARG B 12 -18.38 6.97 13.25
N GLY B 13 -19.68 6.99 13.53
CA GLY B 13 -20.56 5.98 12.99
C GLY B 13 -20.81 6.31 11.53
N GLU B 14 -21.13 5.31 10.73
CA GLU B 14 -21.38 5.55 9.31
C GLU B 14 -22.86 5.57 9.00
N CYS B 15 -23.28 6.55 8.21
CA CYS B 15 -24.66 6.63 7.78
C CYS B 15 -24.83 5.86 6.47
N MET B 16 -25.97 5.20 6.33
CA MET B 16 -26.31 4.48 5.12
C MET B 16 -27.80 4.74 4.92
N SER B 17 -28.25 4.87 3.68
CA SER B 17 -29.69 4.97 3.50
C SER B 17 -30.31 3.58 3.53
N THR B 18 -31.59 3.52 3.92
CA THR B 18 -32.34 2.27 3.93
C THR B 18 -33.71 2.50 3.30
N GLY B 19 -33.73 3.17 2.15
CA GLY B 19 -34.97 3.61 1.55
C GLY B 19 -34.81 5.07 1.18
N PHE B 20 -35.78 5.62 0.45
CA PHE B 20 -35.71 7.00 -0.05
C PHE B 20 -35.65 8.04 1.05
N ASP B 21 -36.27 7.76 2.17
CA ASP B 21 -36.45 8.75 3.22
C ASP B 21 -35.98 8.30 4.59
N GLN B 22 -35.31 7.15 4.67
CA GLN B 22 -34.81 6.66 5.95
C GLN B 22 -33.33 6.29 5.89
N TYR B 23 -32.70 6.21 7.05
CA TYR B 23 -31.28 5.94 7.11
C TYR B 23 -30.97 5.03 8.28
N LYS B 24 -29.76 4.49 8.31
CA LYS B 24 -29.33 3.70 9.44
C LYS B 24 -27.87 4.01 9.79
N CYS B 25 -27.57 3.96 11.08
CA CYS B 25 -26.22 4.23 11.53
C CYS B 25 -25.53 2.94 11.91
N ASP B 26 -24.32 2.77 11.39
CA ASP B 26 -23.48 1.64 11.73
C ASP B 26 -22.53 2.10 12.83
N CYS B 27 -22.79 1.64 14.05
CA CYS B 27 -22.05 2.07 15.24
C CYS B 27 -20.91 1.12 15.59
N THR B 28 -20.63 0.16 14.72
CA THR B 28 -19.59 -0.85 14.95
C THR B 28 -18.27 -0.22 15.40
N ARG B 29 -17.81 -0.66 16.56
CA ARG B 29 -16.49 -0.28 17.07
C ARG B 29 -16.34 1.20 17.45
N THR B 30 -17.45 1.95 17.49
CA THR B 30 -17.37 3.38 17.83
C THR B 30 -17.32 3.65 19.33
N GLY B 31 -17.73 2.66 20.12
CA GLY B 31 -17.83 2.81 21.56
C GLY B 31 -19.17 3.43 21.95
N PHE B 32 -20.04 3.61 20.96
CA PHE B 32 -21.37 4.18 21.17
C PHE B 32 -22.41 3.33 20.48
N TYR B 33 -23.67 3.47 20.89
CA TYR B 33 -24.78 2.80 20.21
C TYR B 33 -26.00 3.69 20.20
N GLY B 34 -27.08 3.19 19.62
CA GLY B 34 -28.29 3.98 19.48
C GLY B 34 -28.48 4.40 18.04
N GLU B 35 -29.66 4.96 17.75
CA GLU B 35 -30.01 5.38 16.40
C GLU B 35 -28.95 6.26 15.73
N ASN B 36 -28.27 7.11 16.50
CA ASN B 36 -27.21 7.98 15.95
C ASN B 36 -25.84 7.77 16.60
N CYS B 37 -25.64 6.63 17.24
CA CYS B 37 -24.40 6.35 17.97
C CYS B 37 -24.04 7.48 18.94
N THR B 38 -24.99 7.92 19.76
CA THR B 38 -24.68 8.96 20.75
C THR B 38 -24.76 8.45 22.18
N THR B 39 -25.21 7.22 22.38
CA THR B 39 -25.26 6.70 23.75
C THR B 39 -24.05 5.80 24.04
N PRO B 40 -23.17 6.26 24.94
CA PRO B 40 -21.87 5.64 25.18
C PRO B 40 -21.92 4.33 25.97
N GLU B 41 -21.06 3.38 25.62
CA GLU B 41 -20.87 2.18 26.42
C GLU B 41 -20.17 2.56 27.70
N PHE B 42 -20.30 1.74 28.73
CA PHE B 42 -19.75 2.07 30.06
C PHE B 42 -18.27 2.47 30.01
N LEU B 43 -17.43 1.59 29.45
CA LEU B 43 -16.00 1.86 29.38
C LEU B 43 -15.74 3.19 28.63
N THR B 44 -16.60 3.47 27.66
CA THR B 44 -16.54 4.72 26.92
C THR B 44 -16.89 5.89 27.85
N ARG B 45 -17.80 5.66 28.78
CA ARG B 45 -18.15 6.67 29.78
C ARG B 45 -16.92 7.03 30.62
N ILE B 46 -16.19 6.01 31.05
CA ILE B 46 -14.98 6.22 31.84
C ILE B 46 -13.90 6.95 31.05
N LYS B 47 -13.67 6.53 29.80
CA LYS B 47 -12.67 7.17 28.95
C LYS B 47 -12.92 8.68 28.82
N LEU B 48 -14.18 9.05 28.57
CA LEU B 48 -14.54 10.45 28.34
C LEU B 48 -14.32 11.36 29.55
N LEU B 49 -14.67 10.87 30.73
CA LEU B 49 -14.44 11.64 31.96
C LEU B 49 -13.09 11.27 32.54
N LEU B 50 -12.09 11.24 31.66
CA LEU B 50 -10.73 10.91 32.03
C LEU B 50 -9.83 11.40 30.90
N LYS B 51 -10.44 12.05 29.91
CA LYS B 51 -9.71 12.52 28.75
C LYS B 51 -9.55 14.04 28.78
N PRO B 52 -8.31 14.50 28.95
CA PRO B 52 -7.94 15.93 28.94
C PRO B 52 -8.18 16.56 27.58
N THR B 53 -8.76 17.75 27.56
CA THR B 53 -8.93 18.51 26.32
C THR B 53 -7.59 18.76 25.62
N PRO B 54 -7.63 18.97 24.31
CA PRO B 54 -6.41 19.34 23.57
C PRO B 54 -5.74 20.60 24.15
N ASN B 55 -6.55 21.55 24.63
CA ASN B 55 -5.98 22.75 25.23
C ASN B 55 -5.32 22.50 26.59
N THR B 56 -5.89 21.60 27.39
CA THR B 56 -5.24 21.22 28.64
C THR B 56 -3.89 20.58 28.34
N VAL B 57 -3.87 19.67 27.38
CA VAL B 57 -2.64 18.96 27.06
C VAL B 57 -1.61 19.90 26.47
N HIS B 58 -2.07 20.84 25.65
CA HIS B 58 -1.18 21.83 25.06
C HIS B 58 -0.54 22.72 26.12
N TYR B 59 -1.34 23.08 27.13
CA TYR B 59 -0.85 23.88 28.24
C TYR B 59 0.27 23.15 28.96
N ILE B 60 0.05 21.88 29.27
CA ILE B 60 1.06 21.08 29.95
C ILE B 60 2.37 21.01 29.17
N LEU B 61 2.26 20.88 27.85
CA LEU B 61 3.41 20.73 26.97
C LEU B 61 4.16 22.08 26.78
N THR B 62 3.47 23.19 26.93
CA THR B 62 4.11 24.50 26.74
C THR B 62 4.53 25.17 28.05
N HIS B 63 4.41 24.44 29.16
CA HIS B 63 4.79 24.96 30.47
C HIS B 63 5.69 23.97 31.22
N PHE B 64 6.12 24.35 32.41
CA PHE B 64 6.98 23.52 33.25
C PHE B 64 8.27 23.15 32.55
N LYS B 65 8.92 24.13 31.96
CA LYS B 65 10.16 23.89 31.23
C LYS B 65 11.13 23.16 32.13
N GLY B 66 10.99 23.38 33.43
CA GLY B 66 11.85 22.76 34.41
C GLY B 66 11.71 21.25 34.38
N VAL B 67 10.48 20.78 34.54
CA VAL B 67 10.19 19.35 34.49
C VAL B 67 10.57 18.69 33.14
N TRP B 68 10.17 19.30 32.02
CA TRP B 68 10.48 18.74 30.71
C TRP B 68 11.99 18.64 30.54
N ASN B 69 12.69 19.56 31.19
CA ASN B 69 14.14 19.54 31.20
C ASN B 69 14.69 18.26 31.84
N ILE B 70 13.95 17.71 32.78
CA ILE B 70 14.33 16.46 33.41
C ILE B 70 13.94 15.30 32.51
N VAL B 71 12.68 15.29 32.05
CA VAL B 71 12.17 14.20 31.22
C VAL B 71 12.97 13.99 29.93
N ASN B 72 13.33 15.09 29.27
CA ASN B 72 14.11 15.01 28.03
C ASN B 72 15.41 14.24 28.22
N ASN B 73 15.76 13.95 29.48
CA ASN B 73 17.07 13.38 29.81
C ASN B 73 16.98 11.96 30.36
N ILE B 74 15.75 11.49 30.52
CA ILE B 74 15.49 10.10 30.85
C ILE B 74 15.02 9.39 29.58
N PRO B 75 15.97 8.78 28.83
CA PRO B 75 15.74 8.13 27.54
C PRO B 75 14.48 7.29 27.61
N PHE B 76 14.29 6.72 28.78
CA PHE B 76 13.21 5.83 29.08
C PHE B 76 11.87 6.58 29.06
N LEU B 77 11.85 7.76 29.68
CA LEU B 77 10.65 8.60 29.71
C LEU B 77 10.37 9.31 28.39
N ARG B 78 11.43 9.84 27.78
CA ARG B 78 11.31 10.45 26.47
C ARG B 78 10.64 9.49 25.48
N SER B 79 11.09 8.23 25.49
CA SER B 79 10.56 7.22 24.59
C SER B 79 9.08 6.98 24.78
N LEU B 80 8.69 6.60 26.00
CA LEU B 80 7.30 6.28 26.26
C LEU B 80 6.38 7.46 25.96
N ILE B 81 6.85 8.68 26.21
CA ILE B 81 6.07 9.85 25.86
C ILE B 81 5.89 9.95 24.34
N MET B 82 7.00 9.96 23.60
CA MET B 82 6.97 10.05 22.15
C MET B 82 6.11 8.96 21.56
N LYS B 83 6.25 7.76 22.12
CA LYS B 83 5.42 6.63 21.72
C LYS B 83 3.93 6.98 21.80
N TYR B 84 3.52 7.57 22.91
CA TYR B 84 2.12 7.94 23.08
C TYR B 84 1.64 9.02 22.10
N VAL B 85 2.48 10.00 21.77
CA VAL B 85 2.06 11.03 20.80
C VAL B 85 1.92 10.41 19.40
N LEU B 86 2.84 9.54 19.03
CA LEU B 86 2.75 8.84 17.75
C LEU B 86 1.45 8.02 17.61
N THR B 87 1.12 7.24 18.63
CA THR B 87 0.03 6.29 18.53
C THR B 87 -1.34 6.96 18.54
N SER B 88 -1.54 7.84 19.52
CA SER B 88 -2.83 8.51 19.66
C SER B 88 -3.15 9.42 18.48
N ARG B 89 -2.14 10.11 17.95
CA ARG B 89 -2.32 10.89 16.72
C ARG B 89 -2.75 9.98 15.57
N SER B 90 -2.03 8.88 15.39
CA SER B 90 -2.22 8.08 14.18
C SER B 90 -3.54 7.35 14.16
N TYR B 91 -4.04 6.95 15.33
CA TYR B 91 -5.30 6.24 15.37
C TYR B 91 -6.43 7.10 14.81
N LEU B 92 -6.21 8.41 14.70
CA LEU B 92 -7.20 9.32 14.10
C LEU B 92 -7.39 9.15 12.59
N ILE B 93 -6.44 8.54 11.88
CA ILE B 93 -6.53 8.38 10.42
C ILE B 93 -6.94 6.97 9.94
N ASP B 94 -7.87 6.88 8.99
CA ASP B 94 -8.25 5.60 8.38
C ASP B 94 -7.15 5.02 7.50
N SER B 95 -6.65 3.84 7.85
CA SER B 95 -5.58 3.22 7.07
C SER B 95 -5.75 1.71 7.09
N PRO B 96 -6.07 1.08 5.94
CA PRO B 96 -6.29 1.56 4.57
C PRO B 96 -7.34 2.66 4.44
N PRO B 97 -7.19 3.54 3.44
CA PRO B 97 -8.04 4.73 3.33
C PRO B 97 -9.46 4.42 2.82
N THR B 98 -10.35 5.40 2.98
CA THR B 98 -11.78 5.35 2.65
C THR B 98 -12.22 6.73 2.10
N TYR B 99 -13.18 6.77 1.20
CA TYR B 99 -13.71 8.03 0.65
C TYR B 99 -12.73 8.88 -0.15
N ASN B 100 -13.26 9.53 -1.18
CA ASN B 100 -12.56 10.57 -1.93
C ASN B 100 -13.63 11.53 -2.51
N VAL B 101 -13.25 12.47 -3.36
CA VAL B 101 -14.23 13.42 -3.92
C VAL B 101 -15.49 12.78 -4.49
N HIS B 102 -15.30 11.63 -5.14
CA HIS B 102 -16.36 11.01 -5.92
C HIS B 102 -17.12 9.93 -5.15
N TYR B 103 -16.57 9.49 -4.02
CA TYR B 103 -17.15 8.38 -3.25
C TYR B 103 -17.35 8.71 -1.78
N GLY B 104 -18.60 8.94 -1.41
CA GLY B 104 -18.98 9.06 -0.01
C GLY B 104 -19.37 7.73 0.61
N TYR B 105 -19.05 6.63 -0.07
CA TYR B 105 -19.12 5.29 0.52
C TYR B 105 -17.82 4.56 0.13
N LYS B 106 -17.50 3.45 0.79
CA LYS B 106 -16.18 2.78 0.61
C LYS B 106 -15.67 2.50 -0.83
N SER B 107 -16.23 1.51 -1.50
CA SER B 107 -15.84 1.14 -2.87
C SER B 107 -14.36 0.80 -3.18
N TRP B 108 -14.17 -0.20 -4.04
CA TRP B 108 -12.85 -0.62 -4.48
C TRP B 108 -12.20 0.44 -5.39
N GLU B 109 -13.00 1.21 -6.12
CA GLU B 109 -12.45 2.30 -6.93
C GLU B 109 -11.79 3.35 -6.05
N ALA B 110 -12.45 3.71 -4.95
CA ALA B 110 -11.89 4.64 -3.97
C ALA B 110 -10.62 4.09 -3.35
N PHE B 111 -10.62 2.80 -3.00
CA PHE B 111 -9.41 2.23 -2.44
C PHE B 111 -8.24 2.15 -3.42
N SER B 112 -8.51 1.70 -4.64
CA SER B 112 -7.43 1.29 -5.52
C SER B 112 -6.86 2.40 -6.41
N ASN B 113 -7.58 3.49 -6.56
CA ASN B 113 -7.19 4.52 -7.51
C ASN B 113 -6.32 5.61 -6.86
N LEU B 114 -5.01 5.54 -7.08
CA LEU B 114 -4.04 6.39 -6.38
C LEU B 114 -4.04 7.81 -6.90
N SER B 115 -4.72 8.03 -8.02
CA SER B 115 -4.80 9.37 -8.58
C SER B 115 -5.63 10.32 -7.73
N TYR B 116 -6.39 9.80 -6.76
CA TYR B 116 -7.19 10.66 -5.88
C TYR B 116 -6.46 11.00 -4.61
N TYR B 117 -6.74 12.18 -4.08
CA TYR B 117 -6.52 12.45 -2.66
C TYR B 117 -7.55 11.64 -1.86
N THR B 118 -7.17 11.09 -0.71
CA THR B 118 -8.21 10.45 0.09
C THR B 118 -8.99 11.57 0.79
N ARG B 119 -9.97 11.19 1.61
CA ARG B 119 -10.80 12.16 2.32
C ARG B 119 -11.12 11.66 3.72
N ALA B 120 -10.78 12.48 4.71
CA ALA B 120 -11.07 12.19 6.10
C ALA B 120 -12.58 12.21 6.37
N LEU B 121 -13.33 13.02 5.63
CA LEU B 121 -14.77 12.95 5.75
C LEU B 121 -15.37 12.90 4.37
N PRO B 122 -16.40 12.09 4.18
CA PRO B 122 -16.88 11.95 2.80
C PRO B 122 -17.49 13.26 2.31
N PRO B 123 -17.51 13.47 0.99
CA PRO B 123 -18.09 14.69 0.43
C PRO B 123 -19.56 14.82 0.80
N VAL B 124 -20.10 16.04 0.74
CA VAL B 124 -21.53 16.22 0.87
C VAL B 124 -22.14 15.78 -0.45
N ALA B 125 -23.19 14.97 -0.38
CA ALA B 125 -23.83 14.39 -1.57
C ALA B 125 -24.44 15.45 -2.50
N ASP B 126 -24.36 15.20 -3.81
CA ASP B 126 -24.75 16.20 -4.81
C ASP B 126 -26.18 16.68 -4.65
N ASP B 127 -27.04 15.84 -4.10
CA ASP B 127 -28.46 16.15 -4.11
C ASP B 127 -28.98 16.77 -2.80
N CYS B 128 -28.11 16.89 -1.80
CA CYS B 128 -28.44 17.62 -0.58
C CYS B 128 -28.96 19.02 -0.89
N PRO B 129 -29.88 19.53 -0.05
CA PRO B 129 -30.53 20.82 -0.32
C PRO B 129 -29.60 22.04 -0.14
N THR B 130 -28.70 21.97 0.82
CA THR B 130 -27.76 23.06 1.07
C THR B 130 -26.34 22.56 0.95
N PRO B 131 -25.41 23.48 0.63
CA PRO B 131 -24.02 23.09 0.41
C PRO B 131 -23.43 22.30 1.58
N MET B 132 -23.83 22.62 2.81
CA MET B 132 -23.32 21.89 3.98
C MET B 132 -24.15 20.65 4.30
N GLY B 133 -25.16 20.40 3.47
CA GLY B 133 -26.01 19.25 3.62
C GLY B 133 -27.45 19.65 3.83
N VAL B 134 -27.74 20.25 4.99
CA VAL B 134 -29.10 20.58 5.34
C VAL B 134 -29.23 21.96 6.00
N LYS B 135 -28.18 22.40 6.69
CA LYS B 135 -28.17 23.69 7.37
C LYS B 135 -27.83 24.88 6.49
N GLY B 136 -28.06 26.09 7.01
CA GLY B 136 -27.69 27.31 6.31
C GLY B 136 -28.47 27.58 5.03
N ASN B 137 -28.01 28.56 4.27
CA ASN B 137 -28.72 29.00 3.07
C ASN B 137 -28.43 28.14 1.84
N LYS B 138 -29.28 28.27 0.83
CA LYS B 138 -29.12 27.53 -0.41
C LYS B 138 -27.74 27.83 -1.02
N GLU B 139 -27.17 28.97 -0.64
CA GLU B 139 -25.86 29.35 -1.13
C GLU B 139 -24.91 29.77 0.01
N LEU B 140 -23.63 29.43 -0.17
CA LEU B 140 -22.59 29.88 0.75
C LEU B 140 -22.24 31.33 0.44
N PRO B 141 -21.80 32.09 1.46
CA PRO B 141 -21.45 33.50 1.24
C PRO B 141 -20.37 33.67 0.18
N ASP B 142 -20.51 34.72 -0.61
CA ASP B 142 -19.55 35.08 -1.64
C ASP B 142 -18.12 34.98 -1.12
N SER B 143 -17.31 34.21 -1.83
CA SER B 143 -15.96 33.91 -1.37
C SER B 143 -15.06 35.15 -1.40
N LYS B 144 -15.32 36.05 -2.34
CA LYS B 144 -14.65 37.34 -2.37
C LYS B 144 -14.91 38.12 -1.07
N GLU B 145 -16.15 38.06 -0.60
CA GLU B 145 -16.53 38.78 0.60
C GLU B 145 -15.84 38.18 1.82
N VAL B 146 -15.79 36.86 1.89
CA VAL B 146 -15.14 36.17 3.01
C VAL B 146 -13.66 36.52 3.02
N LEU B 147 -13.07 36.43 1.83
CA LEU B 147 -11.67 36.71 1.57
C LEU B 147 -11.28 38.12 2.04
N GLU B 148 -12.01 39.12 1.56
CA GLU B 148 -11.67 40.52 1.79
C GLU B 148 -11.82 40.94 3.26
N LYS B 149 -12.86 40.44 3.91
CA LYS B 149 -13.21 40.87 5.25
C LYS B 149 -12.37 40.29 6.38
N VAL B 150 -12.07 38.99 6.30
CA VAL B 150 -11.42 38.34 7.43
C VAL B 150 -10.10 37.68 7.06
N LEU B 151 -9.72 37.73 5.79
CA LEU B 151 -8.52 37.04 5.36
C LEU B 151 -7.38 37.95 4.87
N LEU B 152 -7.68 38.97 4.07
CA LEU B 152 -6.58 39.76 3.52
C LEU B 152 -5.82 40.51 4.61
N ARG B 153 -4.52 40.65 4.42
CA ARG B 153 -3.65 41.31 5.38
C ARG B 153 -3.77 42.82 5.22
N ARG B 154 -3.99 43.53 6.33
CA ARG B 154 -3.84 44.98 6.31
C ARG B 154 -2.39 45.27 6.67
N GLU B 155 -2.08 45.23 7.95
CA GLU B 155 -0.70 45.31 8.41
C GLU B 155 -0.13 43.90 8.57
N PHE B 156 1.16 43.75 8.31
CA PHE B 156 1.84 42.48 8.53
C PHE B 156 1.77 42.05 10.00
N ILE B 157 1.37 40.81 10.24
CA ILE B 157 1.39 40.27 11.58
C ILE B 157 2.47 39.21 11.67
N PRO B 158 3.52 39.49 12.46
CA PRO B 158 4.63 38.54 12.61
C PRO B 158 4.27 37.36 13.51
N ASP B 159 4.88 36.21 13.23
CA ASP B 159 4.67 35.04 14.05
C ASP B 159 5.28 35.24 15.44
N PRO B 160 4.47 35.10 16.49
CA PRO B 160 4.97 35.19 17.87
C PRO B 160 5.88 34.03 18.30
N GLN B 161 5.81 32.87 17.63
CA GLN B 161 6.77 31.77 17.89
C GLN B 161 8.09 31.97 17.17
N GLY B 162 8.21 33.05 16.40
CA GLY B 162 9.47 33.41 15.77
C GLY B 162 9.90 32.67 14.51
N SER B 163 8.97 31.99 13.86
CA SER B 163 9.28 31.33 12.60
C SER B 163 9.93 32.29 11.61
N ASN B 164 10.90 31.79 10.87
CA ASN B 164 11.63 32.60 9.90
C ASN B 164 11.40 32.12 8.47
N MET B 165 12.18 32.62 7.52
CA MET B 165 11.94 32.29 6.13
C MET B 165 12.53 30.94 5.77
N MET B 166 13.46 30.45 6.60
CA MET B 166 13.94 29.08 6.47
C MET B 166 12.77 28.13 6.70
N PHE B 167 11.96 28.43 7.72
CA PHE B 167 10.81 27.60 8.04
C PHE B 167 9.78 27.61 6.91
N ALA B 168 9.31 28.79 6.53
CA ALA B 168 8.31 28.94 5.46
C ALA B 168 8.67 28.22 4.16
N PHE B 169 9.89 28.43 3.68
CA PHE B 169 10.33 27.76 2.46
C PHE B 169 10.56 26.26 2.64
N PHE B 170 10.98 25.83 3.84
CA PHE B 170 11.15 24.42 4.09
C PHE B 170 9.79 23.76 3.96
N ALA B 171 8.83 24.36 4.67
CA ALA B 171 7.44 23.98 4.58
C ALA B 171 7.01 23.80 3.13
N GLN B 172 7.21 24.84 2.33
CA GLN B 172 6.73 24.81 0.95
C GLN B 172 7.42 23.69 0.16
N HIS B 173 8.73 23.56 0.35
CA HIS B 173 9.53 22.64 -0.44
C HIS B 173 9.20 21.17 -0.07
N PHE B 174 9.15 20.90 1.22
CA PHE B 174 8.86 19.58 1.72
C PHE B 174 7.42 19.10 1.42
N THR B 175 6.43 19.98 1.61
CA THR B 175 5.04 19.55 1.42
C THR B 175 4.72 19.35 -0.05
N HIS B 176 5.48 20.02 -0.91
CA HIS B 176 5.19 19.97 -2.34
C HIS B 176 5.65 18.68 -3.03
N GLN B 177 6.16 17.72 -2.26
CA GLN B 177 6.37 16.39 -2.82
C GLN B 177 5.10 15.55 -2.73
N PHE B 178 4.24 15.84 -1.76
CA PHE B 178 2.99 15.10 -1.66
C PHE B 178 1.71 15.88 -1.95
N PHE B 179 1.81 17.20 -2.02
CA PHE B 179 0.71 18.02 -2.53
C PHE B 179 1.10 18.47 -3.94
N LYS B 180 0.44 17.88 -4.94
CA LYS B 180 0.75 18.12 -6.34
C LYS B 180 -0.54 17.96 -7.11
N THR B 181 -1.41 18.95 -7.03
CA THR B 181 -2.73 18.80 -7.60
C THR B 181 -2.67 18.61 -9.11
N ASP B 182 -3.39 17.59 -9.58
CA ASP B 182 -3.51 17.33 -11.01
C ASP B 182 -4.64 18.19 -11.57
N HIS B 183 -4.30 19.39 -12.04
CA HIS B 183 -5.33 20.36 -12.44
C HIS B 183 -6.06 19.92 -13.72
N LYS B 184 -5.37 19.14 -14.54
CA LYS B 184 -5.96 18.49 -15.70
C LYS B 184 -7.24 17.72 -15.30
N ARG B 185 -7.20 17.13 -14.11
CA ARG B 185 -8.24 16.20 -13.66
C ARG B 185 -9.28 16.88 -12.77
N GLY B 186 -8.81 17.73 -11.86
CA GLY B 186 -9.67 18.45 -10.94
C GLY B 186 -9.01 18.56 -9.59
N PRO B 187 -9.58 19.39 -8.71
CA PRO B 187 -9.07 19.32 -7.34
C PRO B 187 -9.56 17.97 -6.80
N GLY B 188 -8.93 17.43 -5.78
CA GLY B 188 -9.30 16.07 -5.40
C GLY B 188 -8.41 15.02 -6.07
N PHE B 189 -7.74 15.40 -7.16
CA PHE B 189 -6.78 14.55 -7.86
C PHE B 189 -5.32 15.02 -7.70
N THR B 190 -4.44 14.06 -7.45
CA THR B 190 -3.02 14.35 -7.24
C THR B 190 -2.13 13.65 -8.26
N ARG B 191 -0.93 14.18 -8.46
CA ARG B 191 0.08 13.58 -9.34
C ARG B 191 1.18 12.91 -8.52
N GLY B 192 1.07 13.00 -7.20
CA GLY B 192 2.01 12.35 -6.30
C GLY B 192 1.53 10.96 -5.94
N LEU B 193 1.75 10.03 -6.87
CA LEU B 193 1.22 8.69 -6.71
C LEU B 193 1.88 7.93 -5.56
N GLY B 194 2.99 8.46 -5.04
CA GLY B 194 3.70 7.85 -3.94
C GLY B 194 3.07 8.18 -2.59
N HIS B 195 2.21 9.18 -2.59
CA HIS B 195 1.42 9.53 -1.39
C HIS B 195 2.20 9.68 -0.09
N GLY B 196 3.40 10.23 -0.16
CA GLY B 196 4.19 10.38 1.06
C GLY B 196 5.58 10.94 0.82
N VAL B 197 6.49 10.68 1.74
CA VAL B 197 7.84 11.23 1.63
C VAL B 197 8.75 10.33 0.81
N ASP B 198 8.63 10.39 -0.52
CA ASP B 198 9.48 9.61 -1.40
C ASP B 198 10.57 10.42 -2.08
N LEU B 199 10.63 11.71 -1.77
CA LEU B 199 11.59 12.65 -2.38
C LEU B 199 11.47 12.74 -3.90
N ASN B 200 10.28 12.55 -4.42
CA ASN B 200 10.09 12.69 -5.86
C ASN B 200 10.42 14.13 -6.33
N HIS B 201 10.32 15.08 -5.39
CA HIS B 201 10.58 16.49 -5.67
C HIS B 201 12.08 16.76 -5.88
N ILE B 202 12.91 15.77 -5.60
CA ILE B 202 14.34 15.84 -5.85
C ILE B 202 14.68 14.89 -7.01
N TYR B 203 14.04 13.72 -7.02
CA TYR B 203 14.40 12.67 -7.97
C TYR B 203 13.47 12.53 -9.19
N GLY B 204 12.27 13.07 -9.09
CA GLY B 204 11.28 12.91 -10.15
C GLY B 204 10.23 11.87 -9.79
N GLU B 205 9.00 12.11 -10.24
CA GLU B 205 7.91 11.19 -9.97
C GLU B 205 8.08 9.93 -10.80
N THR B 206 8.58 10.05 -12.03
CA THR B 206 8.73 8.88 -12.89
C THR B 206 10.18 8.47 -13.12
N LEU B 207 10.38 7.25 -13.58
CA LEU B 207 11.72 6.70 -13.80
C LEU B 207 12.39 7.38 -14.98
N ASP B 208 11.62 7.74 -15.99
CA ASP B 208 12.09 8.48 -17.15
C ASP B 208 12.73 9.82 -16.75
N ARG B 209 12.03 10.58 -15.91
CA ARG B 209 12.53 11.86 -15.38
C ARG B 209 13.76 11.69 -14.46
N GLN B 210 13.73 10.70 -13.57
CA GLN B 210 14.86 10.40 -12.70
C GLN B 210 16.14 10.12 -13.48
N HIS B 211 16.03 9.25 -14.49
CA HIS B 211 17.16 8.89 -15.34
C HIS B 211 17.74 10.13 -16.05
N LYS B 212 16.87 11.00 -16.52
CA LYS B 212 17.30 12.28 -17.12
C LYS B 212 18.08 13.20 -16.16
N LEU B 213 17.81 13.11 -14.85
CA LEU B 213 18.46 13.98 -13.87
C LEU B 213 19.74 13.34 -13.32
N ARG B 214 20.00 12.11 -13.73
CA ARG B 214 21.06 11.32 -13.12
C ARG B 214 22.34 11.33 -13.93
N LEU B 215 23.47 11.42 -13.22
CA LEU B 215 24.78 11.41 -13.85
C LEU B 215 25.18 10.01 -14.36
N PHE B 216 24.65 8.97 -13.72
CA PHE B 216 25.06 7.58 -13.95
C PHE B 216 26.54 7.31 -13.70
N LYS B 217 27.14 8.15 -12.86
CA LYS B 217 28.46 7.89 -12.31
C LYS B 217 28.42 8.11 -10.80
N ASP B 218 28.97 7.14 -10.07
CA ASP B 218 29.14 7.26 -8.63
C ASP B 218 27.82 7.44 -7.87
N GLY B 219 26.71 7.18 -8.56
CA GLY B 219 25.38 7.29 -7.99
C GLY B 219 24.84 8.72 -7.96
N LYS B 220 25.40 9.60 -8.78
CA LYS B 220 25.15 11.02 -8.61
C LYS B 220 24.07 11.66 -9.48
N LEU B 221 23.65 12.84 -9.05
CA LEU B 221 22.69 13.66 -9.77
C LEU B 221 23.50 14.63 -10.61
N LYS B 222 23.08 14.89 -11.85
CA LYS B 222 23.75 15.90 -12.67
C LYS B 222 23.71 17.26 -11.99
N TYR B 223 24.75 18.07 -12.23
CA TYR B 223 24.80 19.43 -11.73
C TYR B 223 25.67 20.30 -12.64
N GLN B 224 25.55 21.61 -12.49
CA GLN B 224 26.47 22.53 -13.14
C GLN B 224 27.25 23.30 -12.09
N VAL B 225 28.32 23.95 -12.52
CA VAL B 225 29.09 24.80 -11.64
C VAL B 225 29.03 26.20 -12.24
N ILE B 226 28.61 27.18 -11.44
CA ILE B 226 28.56 28.56 -11.84
C ILE B 226 29.34 29.36 -10.81
N GLY B 227 30.34 30.11 -11.24
CA GLY B 227 31.36 30.57 -10.32
C GLY B 227 32.02 29.28 -9.87
N GLY B 228 32.16 29.09 -8.56
CA GLY B 228 32.67 27.81 -8.08
C GLY B 228 31.62 27.05 -7.29
N GLU B 229 30.36 27.41 -7.55
CA GLU B 229 29.24 26.89 -6.78
C GLU B 229 28.42 25.86 -7.58
N VAL B 230 27.93 24.83 -6.88
CA VAL B 230 27.14 23.79 -7.51
C VAL B 230 25.65 24.15 -7.56
N TYR B 231 25.08 24.04 -8.76
CA TYR B 231 23.67 24.32 -8.97
C TYR B 231 23.07 23.21 -9.81
N PRO B 232 21.75 23.06 -9.73
CA PRO B 232 21.01 22.12 -10.58
C PRO B 232 21.41 22.25 -12.04
N PRO B 233 21.22 21.20 -12.84
CA PRO B 233 21.53 21.27 -14.27
C PRO B 233 20.41 22.02 -14.98
N THR B 234 20.56 22.30 -16.28
CA THR B 234 19.56 23.09 -17.01
C THR B 234 18.55 22.21 -17.72
N VAL B 235 17.41 22.81 -18.07
CA VAL B 235 16.38 22.16 -18.88
C VAL B 235 16.91 21.68 -20.23
N LYS B 236 17.66 22.54 -20.91
CA LYS B 236 18.22 22.22 -22.22
C LYS B 236 19.24 21.08 -22.20
N ASP B 237 20.02 20.99 -21.13
CA ASP B 237 20.98 19.90 -20.98
C ASP B 237 20.28 18.57 -20.65
N THR B 238 19.37 18.58 -19.68
CA THR B 238 18.74 17.36 -19.17
C THR B 238 17.46 16.94 -19.89
N GLN B 239 16.85 17.87 -20.63
CA GLN B 239 15.59 17.60 -21.30
C GLN B 239 14.42 17.31 -20.36
N VAL B 240 14.60 17.52 -19.06
CA VAL B 240 13.47 17.37 -18.15
C VAL B 240 12.60 18.64 -18.15
N GLU B 241 11.29 18.46 -18.30
CA GLU B 241 10.39 19.61 -18.37
C GLU B 241 10.25 20.33 -17.03
N MET B 242 10.28 21.66 -17.11
CA MET B 242 10.02 22.55 -15.99
C MET B 242 9.00 23.60 -16.41
N ILE B 243 8.35 24.22 -15.43
CA ILE B 243 7.49 25.36 -15.70
C ILE B 243 8.26 26.68 -15.48
N TYR B 244 8.45 27.41 -16.57
CA TYR B 244 9.12 28.71 -16.57
C TYR B 244 8.43 29.63 -17.56
N PRO B 245 8.34 30.92 -17.24
CA PRO B 245 7.89 31.93 -18.19
C PRO B 245 8.85 32.00 -19.36
N PRO B 246 8.34 32.29 -20.57
CA PRO B 246 9.20 32.29 -21.77
C PRO B 246 10.38 33.27 -21.68
N HIS B 247 10.25 34.36 -20.95
CA HIS B 247 11.35 35.32 -20.88
C HIS B 247 12.59 34.81 -20.14
N ILE B 248 12.50 33.63 -19.52
CA ILE B 248 13.64 33.08 -18.78
C ILE B 248 14.67 32.54 -19.75
N PRO B 249 15.92 33.02 -19.62
CA PRO B 249 17.00 32.89 -20.60
C PRO B 249 17.74 31.57 -20.57
N GLU B 250 17.07 30.44 -20.80
CA GLU B 250 17.75 29.16 -20.66
C GLU B 250 18.62 29.32 -19.43
N ASN B 251 19.77 28.66 -19.42
CA ASN B 251 20.83 28.89 -18.41
C ASN B 251 20.42 29.15 -16.95
N LEU B 252 19.31 29.86 -16.75
CA LEU B 252 18.69 29.99 -15.44
C LEU B 252 17.47 29.06 -15.33
N GLN B 253 17.26 28.24 -16.35
CA GLN B 253 16.20 27.24 -16.30
C GLN B 253 16.69 25.96 -15.64
N PHE B 254 16.83 26.03 -14.32
CA PHE B 254 17.29 24.89 -13.53
C PHE B 254 16.27 23.74 -13.56
N ALA B 255 16.76 22.49 -13.65
CA ALA B 255 15.89 21.33 -13.82
C ALA B 255 15.26 20.74 -12.52
N VAL B 256 16.03 20.16 -11.63
CA VAL B 256 15.49 19.66 -10.33
C VAL B 256 14.26 18.73 -10.20
N GLY B 257 13.35 18.66 -11.15
CA GLY B 257 12.47 17.51 -11.11
C GLY B 257 11.19 17.48 -10.24
N GLN B 258 11.00 18.42 -9.34
CA GLN B 258 9.64 18.87 -9.12
C GLN B 258 9.49 20.03 -10.11
N GLU B 259 8.64 19.85 -11.13
CA GLU B 259 8.59 20.78 -12.26
C GLU B 259 8.17 22.20 -11.89
N VAL B 260 7.70 22.39 -10.67
CA VAL B 260 7.23 23.70 -10.23
C VAL B 260 8.27 24.54 -9.46
N PHE B 261 9.41 23.95 -9.09
CA PHE B 261 10.33 24.65 -8.19
C PHE B 261 11.08 25.87 -8.76
N GLY B 262 10.96 26.11 -10.06
CA GLY B 262 11.53 27.31 -10.63
C GLY B 262 10.84 28.61 -10.25
N LEU B 263 9.58 28.55 -9.85
CA LEU B 263 8.87 29.82 -9.73
C LEU B 263 9.07 30.60 -8.40
N VAL B 264 9.93 30.08 -7.53
CA VAL B 264 10.32 30.75 -6.28
C VAL B 264 11.79 30.48 -5.97
N PRO B 265 12.61 31.53 -5.86
CA PRO B 265 14.01 31.28 -5.50
C PRO B 265 14.23 30.56 -4.15
N GLY B 266 13.33 30.76 -3.18
CA GLY B 266 13.44 30.07 -1.91
C GLY B 266 13.26 28.56 -2.06
N LEU B 267 12.44 28.15 -3.02
CA LEU B 267 12.31 26.74 -3.40
C LEU B 267 13.60 26.24 -4.06
N MET B 268 14.14 27.01 -5.00
CA MET B 268 15.35 26.60 -5.68
C MET B 268 16.54 26.53 -4.71
N MET B 269 16.50 27.35 -3.67
CA MET B 269 17.53 27.29 -2.64
C MET B 269 17.60 25.88 -2.02
N TYR B 270 16.49 25.41 -1.45
CA TYR B 270 16.44 24.05 -0.92
C TYR B 270 16.71 22.97 -1.95
N ALA B 271 16.18 23.12 -3.16
CA ALA B 271 16.41 22.13 -4.21
C ALA B 271 17.93 21.97 -4.42
N THR B 272 18.65 23.09 -4.31
CA THR B 272 20.09 23.11 -4.50
C THR B 272 20.83 22.46 -3.32
N ILE B 273 20.32 22.71 -2.11
CA ILE B 273 20.88 22.10 -0.92
C ILE B 273 20.71 20.58 -0.91
N TRP B 274 19.54 20.10 -1.29
CA TRP B 274 19.30 18.67 -1.27
C TRP B 274 20.05 17.94 -2.40
N LEU B 275 20.31 18.64 -3.48
CA LEU B 275 21.06 18.05 -4.58
C LEU B 275 22.52 17.89 -4.19
N ARG B 276 23.06 18.90 -3.50
CA ARG B 276 24.42 18.82 -3.00
C ARG B 276 24.51 17.71 -1.96
N GLU B 277 23.52 17.67 -1.07
CA GLU B 277 23.48 16.65 -0.03
C GLU B 277 23.46 15.24 -0.63
N HIS B 278 22.69 15.01 -1.69
CA HIS B 278 22.69 13.70 -2.35
C HIS B 278 24.07 13.30 -2.87
N ASN B 279 24.78 14.23 -3.47
CA ASN B 279 26.08 13.90 -4.06
C ASN B 279 27.16 13.76 -2.98
N ARG B 280 27.02 14.55 -1.93
CA ARG B 280 27.83 14.40 -0.74
C ARG B 280 27.71 12.96 -0.19
N VAL B 281 26.48 12.48 -0.06
CA VAL B 281 26.26 11.16 0.51
C VAL B 281 26.83 10.06 -0.40
N CYS B 282 26.78 10.28 -1.71
CA CYS B 282 27.37 9.34 -2.66
C CYS B 282 28.87 9.21 -2.43
N ASP B 283 29.54 10.34 -2.21
CA ASP B 283 30.96 10.37 -1.91
C ASP B 283 31.24 9.56 -0.66
N ILE B 284 30.38 9.71 0.34
CA ILE B 284 30.59 9.01 1.59
C ILE B 284 30.40 7.50 1.43
N LEU B 285 29.34 7.12 0.73
CA LEU B 285 29.07 5.70 0.44
C LEU B 285 30.19 5.09 -0.39
N LYS B 286 30.65 5.82 -1.41
CA LYS B 286 31.71 5.34 -2.30
C LYS B 286 32.94 4.98 -1.46
N GLN B 287 33.24 5.82 -0.49
CA GLN B 287 34.39 5.64 0.40
C GLN B 287 34.25 4.38 1.24
N GLU B 288 33.02 4.11 1.70
CA GLU B 288 32.74 2.91 2.46
C GLU B 288 32.61 1.69 1.55
N HIS B 289 32.19 1.90 0.30
CA HIS B 289 31.91 0.79 -0.58
C HIS B 289 32.58 0.91 -1.95
N PRO B 290 33.91 0.80 -1.97
CA PRO B 290 34.68 0.91 -3.20
C PRO B 290 34.10 -0.02 -4.28
N GLU B 291 33.48 -1.12 -3.87
CA GLU B 291 33.02 -2.14 -4.80
C GLU B 291 31.62 -1.92 -5.36
N TRP B 292 30.88 -0.98 -4.80
CA TRP B 292 29.52 -0.70 -5.29
C TRP B 292 29.53 -0.04 -6.66
N GLY B 293 28.52 -0.31 -7.45
CA GLY B 293 28.31 0.37 -8.72
C GLY B 293 27.42 1.60 -8.58
N ASP B 294 27.16 2.27 -9.70
CA ASP B 294 26.42 3.53 -9.70
C ASP B 294 25.01 3.37 -9.14
N GLU B 295 24.31 2.33 -9.59
CA GLU B 295 22.92 2.10 -9.21
C GLU B 295 22.70 1.97 -7.72
N GLN B 296 23.49 1.12 -7.06
CA GLN B 296 23.31 0.94 -5.62
C GLN B 296 23.74 2.19 -4.85
N LEU B 297 24.73 2.92 -5.36
CA LEU B 297 25.13 4.19 -4.75
C LEU B 297 23.95 5.15 -4.82
N PHE B 298 23.32 5.22 -5.99
CA PHE B 298 22.19 6.12 -6.15
C PHE B 298 21.05 5.75 -5.22
N GLN B 299 20.65 4.49 -5.27
CA GLN B 299 19.50 4.01 -4.50
C GLN B 299 19.74 4.13 -3.01
N THR B 300 20.96 3.85 -2.57
CA THR B 300 21.20 3.87 -1.12
C THR B 300 21.17 5.32 -0.63
N SER B 301 21.75 6.22 -1.42
CA SER B 301 21.78 7.63 -1.07
C SER B 301 20.35 8.14 -0.94
N ARG B 302 19.49 7.72 -1.87
CA ARG B 302 18.09 8.10 -1.84
C ARG B 302 17.39 7.66 -0.55
N LEU B 303 17.67 6.44 -0.10
CA LEU B 303 17.04 5.94 1.14
C LEU B 303 17.55 6.73 2.34
N ILE B 304 18.81 7.11 2.30
CA ILE B 304 19.42 7.87 3.38
C ILE B 304 18.81 9.26 3.41
N LEU B 305 18.63 9.89 2.24
CA LEU B 305 18.05 11.22 2.21
C LEU B 305 16.60 11.22 2.72
N ILE B 306 15.83 10.20 2.34
CA ILE B 306 14.50 10.01 2.89
C ILE B 306 14.55 10.01 4.42
N GLY B 307 15.48 9.24 4.99
CA GLY B 307 15.66 9.18 6.42
C GLY B 307 16.03 10.53 7.02
N GLU B 308 17.01 11.21 6.43
CA GLU B 308 17.37 12.56 6.86
C GLU B 308 16.16 13.49 6.85
N THR B 309 15.37 13.40 5.78
CA THR B 309 14.22 14.26 5.65
C THR B 309 13.25 14.04 6.80
N ILE B 310 12.97 12.78 7.11
CA ILE B 310 12.00 12.48 8.16
C ILE B 310 12.53 12.97 9.52
N LYS B 311 13.80 12.70 9.78
CA LYS B 311 14.48 13.12 10.98
C LYS B 311 14.38 14.64 11.22
N ILE B 312 14.73 15.41 10.20
CA ILE B 312 14.65 16.85 10.30
C ILE B 312 13.22 17.37 10.48
N VAL B 313 12.27 16.84 9.74
CA VAL B 313 10.89 17.27 9.89
C VAL B 313 10.39 17.10 11.34
N ILE B 314 10.74 15.98 11.96
CA ILE B 314 10.25 15.70 13.31
C ILE B 314 11.03 16.46 14.39
N GLU B 315 12.35 16.43 14.34
CA GLU B 315 13.15 16.96 15.45
C GLU B 315 13.51 18.43 15.33
N ASP B 316 13.51 18.98 14.12
CA ASP B 316 13.69 20.42 13.98
C ASP B 316 12.40 21.17 13.64
N TYR B 317 11.69 20.67 12.63
CA TYR B 317 10.57 21.38 12.03
C TYR B 317 9.32 21.31 12.88
N VAL B 318 8.81 20.11 13.09
CA VAL B 318 7.64 19.94 13.93
C VAL B 318 7.98 20.43 15.34
N GLN B 319 9.21 20.15 15.78
CA GLN B 319 9.64 20.57 17.10
C GLN B 319 9.42 22.06 17.26
N HIS B 320 9.87 22.83 16.28
CA HIS B 320 9.76 24.26 16.38
C HIS B 320 8.30 24.73 16.39
N LEU B 321 7.51 24.26 15.45
CA LEU B 321 6.16 24.75 15.34
C LEU B 321 5.25 24.26 16.47
N SER B 322 5.64 23.20 17.14
CA SER B 322 4.85 22.67 18.26
C SER B 322 4.90 23.61 19.45
N GLY B 323 6.03 24.26 19.65
CA GLY B 323 6.21 25.09 20.84
C GLY B 323 6.35 24.29 22.13
N TYR B 324 6.54 22.97 22.01
CA TYR B 324 6.62 22.13 23.19
C TYR B 324 7.98 22.22 23.83
N HIS B 325 8.04 22.06 25.15
CA HIS B 325 9.31 21.98 25.86
C HIS B 325 9.82 20.55 25.79
N PHE B 326 8.89 19.60 25.67
CA PHE B 326 9.24 18.20 25.43
C PHE B 326 9.97 18.04 24.09
N LYS B 327 11.05 17.28 24.09
CA LYS B 327 11.87 17.12 22.88
C LYS B 327 11.48 15.88 22.04
N LEU B 328 10.78 16.13 20.94
CA LEU B 328 10.33 15.07 20.04
C LEU B 328 11.52 14.23 19.55
N LYS B 329 11.22 13.03 19.07
CA LYS B 329 12.23 12.02 18.78
C LYS B 329 11.87 11.17 17.56
N PHE B 330 12.72 11.18 16.54
CA PHE B 330 12.51 10.30 15.41
C PHE B 330 13.14 8.96 15.75
N ASP B 331 12.28 7.96 15.95
CA ASP B 331 12.74 6.63 16.34
C ASP B 331 11.70 5.59 15.96
N PRO B 332 11.87 4.96 14.79
CA PRO B 332 10.95 3.92 14.29
C PRO B 332 10.69 2.78 15.29
N GLU B 333 11.69 2.46 16.12
CA GLU B 333 11.59 1.33 17.06
C GLU B 333 10.46 1.52 18.05
N LEU B 334 10.09 2.77 18.32
CA LEU B 334 9.00 3.05 19.23
C LEU B 334 7.70 2.38 18.81
N LEU B 335 7.56 2.09 17.51
CA LEU B 335 6.34 1.47 17.02
C LEU B 335 6.43 -0.04 16.77
N PHE B 336 7.59 -0.65 17.02
CA PHE B 336 7.74 -2.08 16.72
C PHE B 336 6.84 -2.98 17.59
N ASN B 337 6.48 -2.55 18.79
CA ASN B 337 5.58 -3.35 19.63
C ASN B 337 4.15 -2.85 19.64
N GLN B 338 3.82 -1.97 18.70
CA GLN B 338 2.48 -1.38 18.57
C GLN B 338 1.80 -1.81 17.27
N GLN B 339 0.47 -1.75 17.24
CA GLN B 339 -0.24 -1.88 15.98
C GLN B 339 -0.12 -0.57 15.22
N PHE B 340 0.28 -0.67 13.96
CA PHE B 340 0.50 0.50 13.14
C PHE B 340 0.62 0.06 11.70
N GLN B 341 0.00 0.79 10.79
CA GLN B 341 0.06 0.47 9.38
C GLN B 341 1.14 1.26 8.67
N TYR B 342 2.14 0.56 8.11
CA TYR B 342 3.18 1.22 7.32
C TYR B 342 2.72 1.55 5.90
N GLN B 343 1.71 2.42 5.82
CA GLN B 343 1.20 2.87 4.55
C GLN B 343 0.52 4.21 4.78
N ASN B 344 0.39 5.01 3.71
CA ASN B 344 -0.23 6.31 3.80
C ASN B 344 -0.97 6.67 2.52
N ARG B 345 -2.04 7.44 2.67
CA ARG B 345 -2.68 8.09 1.54
C ARG B 345 -2.94 9.54 1.90
N ILE B 346 -2.44 10.50 1.12
CA ILE B 346 -2.59 11.86 1.58
C ILE B 346 -4.00 12.39 1.33
N ALA B 347 -4.55 12.99 2.39
CA ALA B 347 -5.91 13.50 2.42
C ALA B 347 -6.00 14.87 1.75
N SER B 348 -7.12 15.08 1.08
CA SER B 348 -7.45 16.37 0.51
C SER B 348 -7.46 17.47 1.59
N GLU B 349 -8.10 17.20 2.73
CA GLU B 349 -8.16 18.17 3.82
C GLU B 349 -6.78 18.53 4.38
N PHE B 350 -5.82 17.61 4.26
CA PHE B 350 -4.44 17.84 4.69
C PHE B 350 -3.79 18.89 3.79
N ASN B 351 -4.02 18.76 2.48
CA ASN B 351 -3.63 19.76 1.50
C ASN B 351 -4.28 21.10 1.86
N THR B 352 -5.58 21.09 2.08
CA THR B 352 -6.30 22.33 2.39
C THR B 352 -5.70 23.08 3.60
N LEU B 353 -5.54 22.40 4.72
CA LEU B 353 -5.03 23.07 5.91
C LEU B 353 -3.56 23.54 5.82
N TYR B 354 -2.80 23.01 4.86
CA TYR B 354 -1.38 23.37 4.77
C TYR B 354 -1.17 24.56 3.87
N HIS B 355 -2.27 25.20 3.46
CA HIS B 355 -2.17 26.44 2.68
C HIS B 355 -1.75 27.60 3.59
N TRP B 356 -0.52 27.57 4.08
CA TRP B 356 -0.04 28.53 5.06
C TRP B 356 0.54 29.80 4.42
N HIS B 357 -0.20 30.43 3.52
CA HIS B 357 0.32 31.63 2.86
C HIS B 357 0.56 32.86 3.76
N PRO B 358 -0.19 32.97 4.88
CA PRO B 358 0.11 34.05 5.84
C PRO B 358 1.57 34.07 6.32
N LEU B 359 2.28 32.95 6.25
CA LEU B 359 3.70 32.93 6.61
C LEU B 359 4.48 33.96 5.80
N LEU B 360 4.04 34.21 4.57
CA LEU B 360 4.85 34.96 3.61
C LEU B 360 4.93 36.45 3.94
N PRO B 361 6.11 37.04 3.77
CA PRO B 361 6.30 38.47 4.06
C PRO B 361 5.77 39.33 2.92
N ASP B 362 5.78 40.64 3.10
CA ASP B 362 5.38 41.52 2.01
C ASP B 362 6.52 41.70 1.02
N THR B 363 7.74 41.60 1.52
CA THR B 363 8.92 41.67 0.66
C THR B 363 9.94 40.65 1.11
N PHE B 364 10.74 40.19 0.17
CA PHE B 364 11.77 39.21 0.46
C PHE B 364 13.11 39.91 0.57
N ASN B 365 13.65 39.94 1.79
CA ASN B 365 14.87 40.69 2.13
C ASN B 365 16.12 39.81 2.07
N ILE B 366 16.90 39.96 1.00
CA ILE B 366 18.14 39.22 0.88
C ILE B 366 19.30 40.18 1.02
N GLU B 367 20.04 39.97 2.11
CA GLU B 367 20.79 41.01 2.80
C GLU B 367 21.15 42.15 1.90
N ASP B 368 20.41 43.25 2.08
CA ASP B 368 20.59 44.50 1.36
C ASP B 368 19.46 44.91 0.41
N GLN B 369 18.84 43.93 -0.25
CA GLN B 369 17.75 44.24 -1.16
C GLN B 369 16.39 43.87 -0.57
N GLU B 370 15.37 44.62 -0.93
CA GLU B 370 14.00 44.26 -0.56
C GLU B 370 13.15 43.94 -1.79
N TYR B 371 13.07 42.66 -2.14
CA TYR B 371 12.37 42.22 -3.35
C TYR B 371 10.86 42.08 -3.16
N SER B 372 10.12 42.49 -4.18
CA SER B 372 8.69 42.34 -4.18
C SER B 372 8.39 40.99 -4.81
N PHE B 373 7.16 40.52 -4.64
CA PHE B 373 6.70 39.30 -5.29
C PHE B 373 6.96 39.26 -6.79
N LYS B 374 6.63 40.35 -7.49
CA LYS B 374 6.80 40.36 -8.94
C LYS B 374 8.27 40.14 -9.29
N GLN B 375 9.17 40.59 -8.42
CA GLN B 375 10.59 40.51 -8.68
C GLN B 375 11.16 39.18 -8.25
N PHE B 376 10.54 38.56 -7.25
CA PHE B 376 11.01 37.31 -6.71
C PHE B 376 10.60 36.13 -7.59
N LEU B 377 9.36 36.13 -8.05
CA LEU B 377 8.82 34.99 -8.78
C LEU B 377 9.69 34.61 -9.97
N TYR B 378 9.70 33.31 -10.28
CA TYR B 378 10.52 32.73 -11.35
C TYR B 378 11.75 33.55 -11.73
N ASN B 379 12.64 33.72 -10.77
CA ASN B 379 13.79 34.58 -10.96
C ASN B 379 15.02 34.03 -10.25
N ASN B 380 15.61 33.00 -10.83
CA ASN B 380 16.75 32.34 -10.21
C ASN B 380 18.01 33.21 -10.17
N SER B 381 18.04 34.26 -10.99
CA SER B 381 19.19 35.15 -11.01
C SER B 381 19.47 35.75 -9.64
N ILE B 382 18.42 35.99 -8.87
CA ILE B 382 18.56 36.46 -7.49
C ILE B 382 19.39 35.47 -6.67
N LEU B 383 19.11 34.19 -6.88
CA LEU B 383 19.85 33.12 -6.22
C LEU B 383 21.32 33.11 -6.66
N LEU B 384 21.56 33.24 -7.96
CA LEU B 384 22.93 33.29 -8.47
C LEU B 384 23.69 34.53 -7.99
N GLU B 385 22.97 35.63 -7.80
CA GLU B 385 23.59 36.90 -7.44
C GLU B 385 24.04 36.93 -5.99
N HIS B 386 23.21 36.43 -5.09
CA HIS B 386 23.54 36.50 -3.69
C HIS B 386 24.33 35.29 -3.22
N GLY B 387 24.02 34.12 -3.77
CA GLY B 387 24.67 32.88 -3.37
C GLY B 387 23.85 32.20 -2.29
N LEU B 388 24.18 30.94 -1.98
CA LEU B 388 23.42 30.18 -0.98
C LEU B 388 23.74 30.64 0.43
N THR B 389 24.97 31.08 0.63
CA THR B 389 25.38 31.48 1.96
C THR B 389 24.55 32.69 2.42
N GLN B 390 24.65 33.79 1.67
CA GLN B 390 23.71 34.89 1.77
C GLN B 390 22.46 34.24 1.24
N PHE B 391 21.32 34.44 1.87
CA PHE B 391 20.12 33.65 1.53
C PHE B 391 19.79 32.81 2.74
N VAL B 392 20.72 31.95 3.13
CA VAL B 392 20.55 31.27 4.40
C VAL B 392 20.70 32.29 5.52
N GLU B 393 21.73 33.11 5.46
CA GLU B 393 21.88 34.15 6.49
C GLU B 393 20.66 35.08 6.53
N SER B 394 20.20 35.53 5.37
CA SER B 394 19.05 36.43 5.30
C SER B 394 17.74 35.76 5.70
N PHE B 395 17.50 34.56 5.17
CA PHE B 395 16.26 33.85 5.42
C PHE B 395 16.12 33.46 6.88
N THR B 396 17.23 33.17 7.53
CA THR B 396 17.23 32.82 8.94
C THR B 396 16.83 34.04 9.78
N ARG B 397 17.17 35.23 9.28
CA ARG B 397 16.97 36.47 10.03
C ARG B 397 15.58 37.11 9.90
N GLN B 398 14.87 36.83 8.80
CA GLN B 398 13.58 37.48 8.52
C GLN B 398 12.36 36.69 9.04
N ILE B 399 11.51 37.32 9.87
CA ILE B 399 10.36 36.60 10.45
C ILE B 399 9.27 36.31 9.45
N ALA B 400 8.53 35.23 9.74
CA ALA B 400 7.35 34.84 8.99
C ALA B 400 6.11 35.40 9.66
N GLY B 401 5.02 35.42 8.90
CA GLY B 401 3.75 35.89 9.41
C GLY B 401 3.06 34.84 10.24
N ARG B 402 2.15 35.31 11.10
CA ARG B 402 1.31 34.43 11.87
C ARG B 402 0.20 33.89 10.98
N VAL B 403 -0.19 32.63 11.20
CA VAL B 403 -1.14 31.97 10.31
C VAL B 403 -2.59 32.05 10.76
N ALA B 404 -2.89 31.57 11.97
CA ALA B 404 -4.23 31.76 12.54
C ALA B 404 -4.40 33.23 13.01
N GLY B 405 -5.59 33.57 13.51
CA GLY B 405 -5.84 34.92 14.01
C GLY B 405 -6.45 35.88 13.01
N GLY B 406 -6.67 35.42 11.78
CA GLY B 406 -7.31 36.22 10.78
C GLY B 406 -6.47 37.32 10.15
N ARG B 407 -6.89 37.75 8.97
CA ARG B 407 -6.36 38.93 8.31
C ARG B 407 -4.84 38.98 8.18
N ASN B 408 -4.24 37.93 7.65
CA ASN B 408 -2.80 37.95 7.38
C ASN B 408 -2.38 37.29 6.07
N VAL B 409 -3.32 37.10 5.14
CA VAL B 409 -2.97 36.57 3.83
C VAL B 409 -2.38 37.68 2.96
N PRO B 410 -1.16 37.47 2.43
CA PRO B 410 -0.57 38.46 1.54
C PRO B 410 -1.51 38.76 0.38
N ILE B 411 -1.68 40.05 0.04
CA ILE B 411 -2.54 40.46 -1.07
C ILE B 411 -2.03 39.91 -2.38
N ALA B 412 -0.71 39.72 -2.46
CA ALA B 412 -0.10 39.19 -3.68
C ALA B 412 -0.67 37.85 -4.09
N VAL B 413 -1.11 37.05 -3.12
CA VAL B 413 -1.64 35.73 -3.41
C VAL B 413 -3.11 35.61 -3.03
N GLN B 414 -3.84 36.71 -3.17
CA GLN B 414 -5.26 36.69 -2.86
C GLN B 414 -6.02 35.74 -3.77
N ALA B 415 -5.63 35.65 -5.04
CA ALA B 415 -6.30 34.72 -5.95
C ALA B 415 -6.16 33.29 -5.44
N VAL B 416 -5.00 32.96 -4.88
CA VAL B 416 -4.78 31.64 -4.33
C VAL B 416 -5.71 31.37 -3.15
N ALA B 417 -5.79 32.30 -2.21
CA ALA B 417 -6.64 32.07 -1.05
C ALA B 417 -8.11 31.93 -1.47
N LYS B 418 -8.53 32.68 -2.48
CA LYS B 418 -9.90 32.58 -2.95
C LYS B 418 -10.17 31.23 -3.61
N ALA B 419 -9.19 30.71 -4.33
CA ALA B 419 -9.29 29.38 -4.97
C ALA B 419 -9.47 28.30 -3.92
N SER B 420 -8.82 28.47 -2.77
CA SER B 420 -8.92 27.51 -1.68
C SER B 420 -10.33 27.42 -1.15
N ILE B 421 -10.96 28.58 -0.96
CA ILE B 421 -12.36 28.60 -0.56
C ILE B 421 -13.21 27.96 -1.63
N ASP B 422 -13.05 28.43 -2.87
CA ASP B 422 -13.87 27.96 -3.98
C ASP B 422 -13.73 26.46 -4.26
N GLN B 423 -12.50 25.95 -4.16
CA GLN B 423 -12.25 24.54 -4.44
C GLN B 423 -12.78 23.64 -3.34
N SER B 424 -12.74 24.11 -2.11
CA SER B 424 -13.33 23.37 -1.00
C SER B 424 -14.81 23.10 -1.25
N ARG B 425 -15.53 24.10 -1.74
CA ARG B 425 -16.96 23.98 -2.01
C ARG B 425 -17.18 23.06 -3.20
N GLU B 426 -16.34 23.25 -4.22
CA GLU B 426 -16.34 22.43 -5.40
C GLU B 426 -16.17 20.95 -5.03
N MET B 427 -15.27 20.67 -4.08
CA MET B 427 -15.04 19.30 -3.61
C MET B 427 -16.05 18.91 -2.53
N LYS B 428 -17.00 19.79 -2.27
CA LYS B 428 -18.10 19.52 -1.33
C LYS B 428 -17.68 19.19 0.11
N TYR B 429 -16.76 19.97 0.68
CA TYR B 429 -16.32 19.72 2.05
C TYR B 429 -17.47 19.89 3.02
N GLN B 430 -17.45 19.08 4.07
CA GLN B 430 -18.35 19.27 5.18
C GLN B 430 -17.89 20.46 5.98
N SER B 431 -18.66 20.85 6.98
CA SER B 431 -18.42 22.10 7.69
C SER B 431 -17.30 21.96 8.71
N LEU B 432 -16.82 23.12 9.15
CA LEU B 432 -15.81 23.21 10.20
C LEU B 432 -16.18 22.34 11.38
N ASN B 433 -17.43 22.45 11.84
CA ASN B 433 -17.85 21.74 13.05
C ASN B 433 -17.95 20.24 12.86
N GLU B 434 -18.25 19.82 11.64
CA GLU B 434 -18.20 18.41 11.29
C GLU B 434 -16.77 17.91 11.39
N TYR B 435 -15.82 18.69 10.84
CA TYR B 435 -14.42 18.27 10.91
C TYR B 435 -13.88 18.25 12.33
N ARG B 436 -14.43 19.12 13.18
CA ARG B 436 -14.04 19.16 14.59
C ARG B 436 -14.49 17.93 15.35
N LYS B 437 -15.72 17.48 15.13
CA LYS B 437 -16.17 16.24 15.77
C LYS B 437 -15.36 15.04 15.27
N ARG B 438 -15.10 15.00 13.97
CA ARG B 438 -14.32 13.93 13.37
C ARG B 438 -12.94 13.79 14.03
N PHE B 439 -12.38 14.87 14.58
CA PHE B 439 -11.07 14.78 15.20
C PHE B 439 -11.13 14.94 16.70
N SER B 440 -12.33 14.69 17.25
CA SER B 440 -12.55 14.61 18.69
C SER B 440 -12.50 15.95 19.44
N LEU B 441 -12.81 17.03 18.72
CA LEU B 441 -12.87 18.36 19.32
C LEU B 441 -14.32 18.81 19.47
N LYS B 442 -14.58 19.63 20.48
CA LYS B 442 -15.91 20.19 20.68
C LYS B 442 -16.29 21.13 19.55
N PRO B 443 -17.53 21.01 19.04
CA PRO B 443 -18.00 22.02 18.09
C PRO B 443 -18.04 23.43 18.72
N TYR B 444 -17.63 24.44 17.94
CA TYR B 444 -17.72 25.84 18.34
C TYR B 444 -19.19 26.24 18.36
N THR B 445 -19.58 27.06 19.36
CA THR B 445 -20.99 27.40 19.56
C THR B 445 -21.35 28.78 19.07
N SER B 446 -20.32 29.60 18.83
CA SER B 446 -20.49 30.92 18.20
C SER B 446 -19.24 31.29 17.42
N PHE B 447 -19.39 32.21 16.46
CA PHE B 447 -18.24 32.72 15.72
C PHE B 447 -17.31 33.39 16.69
N GLU B 448 -17.88 33.89 17.77
CA GLU B 448 -17.12 34.68 18.70
C GLU B 448 -16.22 33.75 19.52
N GLU B 449 -16.70 32.55 19.81
CA GLU B 449 -15.82 31.52 20.38
C GLU B 449 -14.72 31.10 19.39
N LEU B 450 -15.08 31.01 18.11
CA LEU B 450 -14.12 30.68 17.06
C LEU B 450 -12.93 31.65 16.98
N THR B 451 -13.22 32.95 16.90
CA THR B 451 -12.19 33.96 16.71
C THR B 451 -11.51 34.42 17.99
N GLY B 452 -12.25 34.42 19.10
CA GLY B 452 -11.70 34.92 20.36
C GLY B 452 -11.78 36.44 20.47
N GLU B 453 -12.40 37.06 19.47
CA GLU B 453 -12.57 38.49 19.45
C GLU B 453 -13.94 38.82 18.87
N LYS B 454 -14.19 40.09 18.56
CA LYS B 454 -15.55 40.52 18.28
C LYS B 454 -15.82 40.99 16.85
N GLU B 455 -14.88 41.73 16.29
CA GLU B 455 -15.09 42.39 14.99
C GLU B 455 -15.19 41.42 13.80
N MET B 456 -14.30 40.43 13.76
CA MET B 456 -14.36 39.41 12.71
C MET B 456 -15.55 38.49 12.96
N ALA B 457 -15.67 38.03 14.20
CA ALA B 457 -16.83 37.25 14.61
C ALA B 457 -18.14 37.81 14.05
N ALA B 458 -18.37 39.11 14.24
CA ALA B 458 -19.58 39.76 13.74
C ALA B 458 -19.64 39.81 12.22
N GLU B 459 -18.49 40.05 11.59
CA GLU B 459 -18.35 39.99 10.14
C GLU B 459 -18.76 38.59 9.63
N LEU B 460 -18.17 37.55 10.21
CA LEU B 460 -18.49 36.18 9.86
C LEU B 460 -19.97 35.86 10.09
N LYS B 461 -20.49 36.29 11.24
CA LYS B 461 -21.86 35.96 11.62
C LYS B 461 -22.89 36.57 10.66
N ALA B 462 -22.53 37.70 10.06
CA ALA B 462 -23.40 38.31 9.07
C ALA B 462 -23.29 37.56 7.75
N LEU B 463 -22.12 36.99 7.48
CA LEU B 463 -21.95 36.20 6.27
C LEU B 463 -22.56 34.79 6.37
N TYR B 464 -22.19 34.04 7.41
CA TYR B 464 -22.58 32.63 7.51
C TYR B 464 -23.89 32.41 8.25
N SER B 465 -24.21 33.33 9.16
CA SER B 465 -25.48 33.34 9.87
C SER B 465 -25.55 32.27 10.97
N ASP B 466 -24.92 31.12 10.73
CA ASP B 466 -24.98 30.01 11.68
C ASP B 466 -23.61 29.32 11.77
N ILE B 467 -23.11 29.14 12.99
CA ILE B 467 -21.77 28.62 13.23
C ILE B 467 -21.54 27.23 12.65
N ASP B 468 -22.61 26.41 12.62
CA ASP B 468 -22.54 25.06 12.11
C ASP B 468 -22.44 25.01 10.58
N VAL B 469 -22.33 26.18 9.96
CA VAL B 469 -22.18 26.26 8.51
C VAL B 469 -20.85 26.97 8.15
N MET B 470 -20.09 27.34 9.15
CA MET B 470 -18.78 27.92 8.90
C MET B 470 -17.95 26.86 8.17
N GLU B 471 -17.14 27.32 7.20
CA GLU B 471 -16.26 26.45 6.43
C GLU B 471 -14.92 26.21 7.13
N LEU B 472 -14.28 25.09 6.82
CA LEU B 472 -13.01 24.69 7.41
C LEU B 472 -11.84 25.62 7.07
N TYR B 473 -11.63 25.88 5.80
CA TYR B 473 -10.44 26.64 5.40
C TYR B 473 -10.39 28.06 6.01
N PRO B 474 -11.42 28.89 5.75
CA PRO B 474 -11.48 30.22 6.35
C PRO B 474 -11.34 30.18 7.88
N ALA B 475 -11.81 29.10 8.50
CA ALA B 475 -11.83 29.02 9.94
C ALA B 475 -10.41 28.84 10.51
N LEU B 476 -9.60 28.08 9.79
CA LEU B 476 -8.24 27.79 10.24
C LEU B 476 -7.42 29.07 10.26
N LEU B 477 -7.67 29.94 9.29
CA LEU B 477 -6.91 31.20 9.15
C LEU B 477 -7.42 32.35 10.03
N VAL B 478 -8.56 32.12 10.67
CA VAL B 478 -9.25 33.15 11.44
C VAL B 478 -9.34 32.75 12.92
N GLU B 479 -9.10 31.47 13.17
CA GLU B 479 -9.25 30.89 14.51
C GLU B 479 -8.41 31.59 15.56
N LYS B 480 -8.89 31.56 16.80
CA LYS B 480 -8.12 32.12 17.90
C LYS B 480 -6.84 31.32 18.07
N PRO B 481 -5.70 32.00 18.02
CA PRO B 481 -4.44 31.27 18.23
C PRO B 481 -4.30 30.83 19.68
N ARG B 482 -3.55 29.77 19.90
CA ARG B 482 -3.08 29.43 21.24
C ARG B 482 -2.23 30.59 21.72
N PRO B 483 -2.16 30.80 23.04
CA PRO B 483 -1.58 31.99 23.67
C PRO B 483 -0.66 32.83 22.77
N ASP B 484 0.62 32.53 22.69
CA ASP B 484 1.48 33.32 21.81
C ASP B 484 1.94 32.45 20.66
N ALA B 485 0.98 31.73 20.07
CA ALA B 485 1.25 30.63 19.18
C ALA B 485 0.91 30.98 17.74
N ILE B 486 1.43 30.19 16.80
CA ILE B 486 1.23 30.46 15.38
C ILE B 486 -0.10 29.93 14.85
N PHE B 487 -0.67 28.92 15.50
CA PHE B 487 -1.86 28.22 15.02
C PHE B 487 -2.90 28.13 16.14
N GLY B 488 -4.15 27.89 15.77
CA GLY B 488 -5.20 27.61 16.73
C GLY B 488 -5.37 26.11 16.88
N GLU B 489 -6.31 25.72 17.74
CA GLU B 489 -6.52 24.32 18.09
C GLU B 489 -6.84 23.42 16.90
N THR B 490 -7.72 23.89 16.00
CA THR B 490 -8.17 23.06 14.90
C THR B 490 -7.01 22.67 13.97
N MET B 491 -6.17 23.65 13.64
CA MET B 491 -4.99 23.41 12.80
C MET B 491 -4.14 22.28 13.38
N VAL B 492 -3.86 22.34 14.67
CA VAL B 492 -2.97 21.36 15.29
C VAL B 492 -3.60 19.97 15.40
N GLU B 493 -4.84 19.89 15.88
CA GLU B 493 -5.48 18.59 16.04
C GLU B 493 -5.82 17.90 14.73
N LEU B 494 -5.96 18.66 13.64
CA LEU B 494 -6.17 18.06 12.34
C LEU B 494 -4.82 17.72 11.71
N GLY B 495 -3.91 18.70 11.73
CA GLY B 495 -2.63 18.56 11.06
C GLY B 495 -1.72 17.48 11.62
N ALA B 496 -1.62 17.41 12.95
CA ALA B 496 -0.72 16.45 13.58
C ALA B 496 -0.97 15.01 13.13
N PRO B 497 -2.23 14.55 13.20
CA PRO B 497 -2.47 13.17 12.78
C PRO B 497 -2.08 12.92 11.32
N PHE B 498 -2.49 13.78 10.39
CA PHE B 498 -2.10 13.57 8.99
C PHE B 498 -0.58 13.53 8.84
N SER B 499 0.09 14.42 9.56
CA SER B 499 1.52 14.63 9.41
C SER B 499 2.33 13.45 9.95
N LEU B 500 1.94 12.96 11.12
CA LEU B 500 2.72 11.94 11.82
C LEU B 500 2.54 10.58 11.17
N LYS B 501 1.33 10.28 10.72
CA LYS B 501 1.08 9.07 9.96
C LYS B 501 1.84 9.14 8.63
N GLY B 502 1.94 10.34 8.05
CA GLY B 502 2.64 10.50 6.80
C GLY B 502 4.12 10.21 6.94
N LEU B 503 4.68 10.59 8.09
CA LEU B 503 6.09 10.38 8.40
C LEU B 503 6.42 8.94 8.82
N MET B 504 5.68 8.40 9.78
CA MET B 504 5.99 7.08 10.33
C MET B 504 5.51 5.96 9.39
N GLY B 505 4.51 6.25 8.56
CA GLY B 505 3.96 5.24 7.67
C GLY B 505 4.86 4.91 6.50
N ASN B 506 6.05 5.50 6.46
CA ASN B 506 6.99 5.27 5.37
C ASN B 506 7.67 3.90 5.53
N PRO B 507 7.81 3.15 4.43
CA PRO B 507 8.38 1.80 4.56
C PRO B 507 9.75 1.76 5.25
N ILE B 508 10.55 2.82 5.18
CA ILE B 508 11.87 2.73 5.78
C ILE B 508 11.77 2.73 7.31
N CYS B 509 10.58 3.02 7.81
CA CYS B 509 10.33 2.99 9.24
C CYS B 509 9.86 1.62 9.70
N SER B 510 9.63 0.72 8.75
CA SER B 510 9.20 -0.61 9.07
C SER B 510 10.37 -1.49 9.55
N PRO B 511 10.07 -2.50 10.38
CA PRO B 511 11.13 -3.35 10.95
C PRO B 511 12.12 -3.89 9.92
N GLN B 512 11.66 -4.41 8.77
CA GLN B 512 12.60 -4.98 7.79
C GLN B 512 13.53 -3.94 7.18
N TYR B 513 13.05 -2.70 7.09
CA TYR B 513 13.84 -1.63 6.50
C TYR B 513 14.73 -0.92 7.53
N TRP B 514 14.24 -0.80 8.76
CA TRP B 514 14.97 0.01 9.73
C TRP B 514 16.17 -0.72 10.34
N LYS B 515 17.24 -0.83 9.57
CA LYS B 515 18.45 -1.52 10.04
C LYS B 515 19.66 -1.05 9.24
N PRO B 516 20.84 -1.06 9.87
CA PRO B 516 22.05 -0.48 9.27
C PRO B 516 22.25 -0.84 7.80
N SER B 517 22.01 -2.10 7.43
CA SER B 517 22.30 -2.60 6.10
C SER B 517 21.45 -1.99 5.00
N THR B 518 20.23 -1.62 5.33
CA THR B 518 19.37 -0.86 4.42
C THR B 518 20.07 0.40 3.91
N PHE B 519 20.82 1.04 4.78
CA PHE B 519 21.44 2.30 4.43
C PHE B 519 22.95 2.15 4.20
N GLY B 520 23.38 0.93 3.87
CA GLY B 520 24.76 0.69 3.49
C GLY B 520 25.75 0.57 4.65
N GLY B 521 25.25 0.28 5.85
CA GLY B 521 26.13 0.08 6.98
C GLY B 521 25.98 1.13 8.05
N GLU B 522 26.76 1.01 9.11
CA GLU B 522 26.61 1.89 10.28
C GLU B 522 26.85 3.39 10.00
N VAL B 523 27.73 3.72 9.06
CA VAL B 523 27.95 5.12 8.72
C VAL B 523 26.75 5.77 7.98
N GLY B 524 26.19 5.06 7.00
CA GLY B 524 24.97 5.52 6.36
C GLY B 524 23.83 5.68 7.37
N PHE B 525 23.68 4.70 8.26
CA PHE B 525 22.66 4.78 9.29
C PHE B 525 22.86 6.02 10.16
N LYS B 526 24.09 6.31 10.55
CA LYS B 526 24.37 7.46 11.42
C LYS B 526 24.07 8.82 10.81
N ILE B 527 24.23 8.94 9.49
CA ILE B 527 23.81 10.14 8.80
C ILE B 527 22.32 10.38 9.07
N ILE B 528 21.52 9.34 8.91
CA ILE B 528 20.10 9.48 9.23
C ILE B 528 19.91 9.93 10.67
N ASN B 529 20.51 9.19 11.60
CA ASN B 529 20.25 9.42 13.03
C ASN B 529 20.88 10.68 13.66
N THR B 530 21.68 11.41 12.87
CA THR B 530 22.30 12.62 13.37
C THR B 530 21.93 13.84 12.52
N ALA B 531 21.02 13.67 11.57
CA ALA B 531 20.70 14.74 10.66
C ALA B 531 19.96 15.88 11.38
N SER B 532 20.20 17.12 10.96
CA SER B 532 19.44 18.27 11.46
C SER B 532 19.39 19.35 10.39
N ILE B 533 18.50 20.33 10.55
CA ILE B 533 18.52 21.45 9.62
C ILE B 533 19.89 22.13 9.60
N GLN B 534 20.46 22.35 10.78
CA GLN B 534 21.80 22.95 10.86
C GLN B 534 22.84 22.10 10.12
N SER B 535 22.79 20.78 10.28
CA SER B 535 23.82 19.95 9.64
C SER B 535 23.62 19.88 8.12
N LEU B 536 22.36 19.85 7.70
CA LEU B 536 22.05 19.89 6.28
C LEU B 536 22.73 21.09 5.65
N ILE B 537 22.56 22.27 6.26
CA ILE B 537 23.16 23.49 5.76
C ILE B 537 24.68 23.51 5.88
N CYS B 538 25.19 23.07 7.02
CA CYS B 538 26.63 23.15 7.29
C CYS B 538 27.45 22.35 6.27
N ASN B 539 26.94 21.18 5.89
CA ASN B 539 27.66 20.32 4.98
C ASN B 539 27.65 20.78 3.53
N ASN B 540 26.66 21.60 3.17
CA ASN B 540 26.41 21.85 1.75
C ASN B 540 26.42 23.29 1.32
N VAL B 541 26.52 24.21 2.28
CA VAL B 541 26.50 25.64 2.02
C VAL B 541 27.85 26.29 2.33
N LYS B 542 28.44 26.93 1.31
CA LYS B 542 29.85 27.33 1.30
C LYS B 542 30.52 27.47 2.66
N GLY B 543 30.25 28.55 3.38
CA GLY B 543 30.91 28.72 4.65
C GLY B 543 30.42 27.64 5.60
N CYS B 544 29.24 27.86 6.15
CA CYS B 544 28.59 26.98 7.10
C CYS B 544 27.92 27.93 8.06
N PRO B 545 27.01 28.76 7.53
CA PRO B 545 26.28 29.72 8.35
C PRO B 545 25.44 28.99 9.38
N PHE B 546 25.22 29.61 10.52
CA PHE B 546 24.28 29.10 11.49
C PHE B 546 22.89 29.20 10.88
N THR B 547 22.05 28.22 11.15
CA THR B 547 20.64 28.28 10.78
C THR B 547 19.79 27.70 11.86
N SER B 548 18.51 27.96 11.71
CA SER B 548 17.50 27.59 12.68
C SER B 548 16.17 27.80 11.97
N PHE B 549 15.09 27.34 12.55
CA PHE B 549 13.79 27.68 11.99
C PHE B 549 13.22 28.87 12.76
N ASN B 550 13.99 29.33 13.74
CA ASN B 550 13.54 30.36 14.67
C ASN B 550 14.36 31.61 14.47
N VAL B 551 13.72 32.76 14.49
CA VAL B 551 14.43 34.02 14.34
C VAL B 551 15.21 34.28 15.64
N GLN B 552 16.46 34.76 15.50
CA GLN B 552 17.36 34.88 16.66
C GLN B 552 17.34 36.26 17.33
#